data_3AFI
#
_entry.id   3AFI
#
_cell.length_a   212.855
_cell.length_b   117.843
_cell.length_c   55.796
_cell.angle_alpha   90.00
_cell.angle_beta   90.00
_cell.angle_gamma   90.00
#
_symmetry.space_group_name_H-M   'P 21 21 2'
#
loop_
_entity.id
_entity.type
_entity.pdbx_description
1 polymer 'Haloalkane dehalogenase'
2 non-polymer 'CHLORIDE ION'
3 water water
#
_entity_poly.entity_id   1
_entity_poly.type   'polypeptide(L)'
_entity_poly.pdbx_seq_one_letter_code
;MSKPIEIEIRRAPVLGSSMAYRETGAQDAPVVLFLHGNPTSSHIWRNILPLVSPVAHCIAPDLIGFGQSGKPDIAYRFFD
HVRYLDAFIEQRGVTSAYLVAQDWGTALAFHLAARRPDFVRGLAFMEFIRPMPTWQDFHHTEVAEEQDHAEAARAVFRKF
RTPGEGEAMILEANAFVERVLPGGIVRKLGDEEMAPYRTPFPTPESRRPVLAFPRELPIAGEPADVYEALQSAHAALAAS
SYPKLLFTGEPGALVSPEFAERFAASLTRCALIRLGAGLHYLQEDHADAIGRSVAGWIAGIEAVRPQLAAHHHHHH
;
_entity_poly.pdbx_strand_id   E,A,B,F
#
# COMPACT_ATOMS: atom_id res chain seq x y z
N ARG A 10 -5.41 52.82 10.26
CA ARG A 10 -5.17 52.65 11.74
C ARG A 10 -4.01 53.52 12.23
N ARG A 11 -3.90 53.68 13.55
CA ARG A 11 -2.90 54.58 14.12
C ARG A 11 -2.33 54.06 15.42
N ALA A 12 -1.01 54.14 15.56
CA ALA A 12 -0.31 53.73 16.77
C ALA A 12 0.41 54.92 17.39
N PRO A 13 0.22 55.17 18.70
CA PRO A 13 1.05 56.18 19.38
C PRO A 13 2.50 55.69 19.41
N VAL A 14 3.43 56.55 19.00
CA VAL A 14 4.85 56.19 18.91
C VAL A 14 5.69 57.39 19.32
N LEU A 15 6.49 57.24 20.38
CA LEU A 15 7.48 58.25 20.78
C LEU A 15 6.93 59.68 20.90
N GLY A 16 5.69 59.81 21.36
CA GLY A 16 5.10 61.12 21.57
C GLY A 16 4.38 61.65 20.34
N SER A 17 4.44 60.89 19.25
CA SER A 17 3.69 61.23 18.04
C SER A 17 2.85 60.01 17.71
N SER A 18 2.53 59.83 16.43
CA SER A 18 1.82 58.65 16.00
C SER A 18 2.29 58.20 14.64
N MET A 19 2.15 56.91 14.37
CA MET A 19 2.33 56.42 13.02
C MET A 19 1.08 55.71 12.54
N ALA A 20 0.60 56.09 11.36
CA ALA A 20 -0.53 55.42 10.71
C ALA A 20 -0.06 54.12 10.08
N TYR A 21 -0.97 53.15 9.94
CA TYR A 21 -0.60 51.90 9.29
C TYR A 21 -1.81 51.20 8.70
N ARG A 22 -1.57 50.36 7.71
CA ARG A 22 -2.59 49.49 7.13
C ARG A 22 -2.35 48.08 7.63
N GLU A 23 -3.41 47.28 7.76
CA GLU A 23 -3.26 45.96 8.37
C GLU A 23 -4.31 45.03 7.78
N THR A 24 -3.92 43.80 7.50
CA THR A 24 -4.85 42.80 7.00
C THR A 24 -4.28 41.43 7.31
N GLY A 25 -5.14 40.42 7.34
CA GLY A 25 -4.66 39.06 7.56
C GLY A 25 -4.95 38.57 8.96
N ALA A 26 -4.74 37.29 9.20
CA ALA A 26 -5.03 36.66 10.48
C ALA A 26 -4.01 37.00 11.55
N GLN A 27 -4.51 37.18 12.78
CA GLN A 27 -3.65 37.56 13.91
C GLN A 27 -2.66 36.47 14.33
N ASP A 28 -2.92 35.24 13.93
CA ASP A 28 -2.01 34.14 14.29
C ASP A 28 -1.10 33.73 13.14
N ALA A 29 -1.17 34.45 12.02
CA ALA A 29 -0.35 34.15 10.85
C ALA A 29 1.02 34.84 10.95
N PRO A 30 2.02 34.39 10.15
CA PRO A 30 3.32 35.08 10.21
C PRO A 30 3.18 36.54 9.82
N VAL A 31 3.94 37.41 10.49
CA VAL A 31 3.86 38.83 10.19
C VAL A 31 4.70 39.19 8.98
N VAL A 32 4.17 40.04 8.13
CA VAL A 32 4.94 40.64 7.04
C VAL A 32 4.86 42.15 7.19
N LEU A 33 6.03 42.79 7.30
CA LEU A 33 6.12 44.25 7.36
C LEU A 33 6.48 44.83 6.00
N PHE A 34 5.64 45.74 5.51
CA PHE A 34 5.87 46.38 4.22
C PHE A 34 6.43 47.77 4.45
N LEU A 35 7.59 48.05 3.87
CA LEU A 35 8.31 49.29 4.17
C LEU A 35 8.49 50.14 2.91
N HIS A 36 7.79 51.27 2.88
CA HIS A 36 7.88 52.23 1.77
C HIS A 36 9.07 53.17 1.94
N GLY A 37 9.35 53.98 0.92
CA GLY A 37 10.40 54.99 1.02
C GLY A 37 9.92 56.36 0.56
N ASN A 38 10.82 57.10 -0.10
CA ASN A 38 10.55 58.48 -0.53
C ASN A 38 9.89 58.53 -1.90
N PRO A 39 8.87 59.39 -2.12
CA PRO A 39 8.06 60.17 -1.17
C PRO A 39 6.71 59.49 -1.00
N THR A 40 6.72 58.20 -0.69
CA THR A 40 5.49 57.42 -0.74
C THR A 40 4.90 57.19 0.67
N SER A 41 4.06 56.18 0.80
CA SER A 41 3.52 55.77 2.10
C SER A 41 2.97 54.37 1.90
N SER A 42 2.27 53.87 2.90
CA SER A 42 1.65 52.53 2.81
C SER A 42 0.68 52.46 1.63
N HIS A 43 0.26 53.61 1.14
CA HIS A 43 -0.53 53.74 -0.10
C HIS A 43 0.09 52.93 -1.25
N ILE A 44 1.41 52.91 -1.37
CA ILE A 44 2.06 52.24 -2.52
C ILE A 44 1.82 50.71 -2.49
N TRP A 45 1.46 50.19 -1.33
CA TRP A 45 1.25 48.73 -1.15
C TRP A 45 -0.22 48.34 -1.29
N ARG A 46 -1.08 49.30 -1.62
CA ARG A 46 -2.54 49.13 -1.52
C ARG A 46 -3.06 47.95 -2.37
N ASN A 47 -2.43 47.74 -3.53
CA ASN A 47 -2.83 46.63 -4.42
C ASN A 47 -2.02 45.35 -4.23
N ILE A 48 -1.08 45.40 -3.28
CA ILE A 48 -0.23 44.26 -3.02
C ILE A 48 -0.69 43.57 -1.76
N LEU A 49 -1.05 44.36 -0.74
CA LEU A 49 -1.50 43.81 0.54
C LEU A 49 -2.62 42.75 0.42
N PRO A 50 -3.65 43.00 -0.41
CA PRO A 50 -4.75 42.01 -0.43
C PRO A 50 -4.31 40.68 -1.02
N LEU A 51 -3.22 40.68 -1.79
CA LEU A 51 -2.70 39.46 -2.41
C LEU A 51 -1.87 38.62 -1.43
N VAL A 52 -1.38 39.25 -0.37
CA VAL A 52 -0.55 38.56 0.61
C VAL A 52 -1.32 38.19 1.87
N SER A 53 -2.38 38.96 2.15
CA SER A 53 -3.28 38.74 3.30
C SER A 53 -3.71 37.28 3.54
N PRO A 54 -3.97 36.48 2.47
CA PRO A 54 -4.39 35.11 2.76
C PRO A 54 -3.33 34.20 3.39
N VAL A 55 -2.05 34.59 3.31
CA VAL A 55 -0.99 33.75 3.86
C VAL A 55 -0.25 34.38 5.05
N ALA A 56 -0.54 35.65 5.34
CA ALA A 56 0.25 36.37 6.33
C ALA A 56 -0.49 37.54 6.94
N HIS A 57 -0.09 37.89 8.16
CA HIS A 57 -0.57 39.08 8.85
C HIS A 57 0.25 40.25 8.35
N CYS A 58 -0.32 41.04 7.43
CA CYS A 58 0.37 42.14 6.76
C CYS A 58 0.23 43.44 7.53
N ILE A 59 1.35 44.09 7.82
CA ILE A 59 1.35 45.40 8.49
C ILE A 59 2.16 46.37 7.64
N ALA A 60 1.55 47.49 7.25
CA ALA A 60 2.26 48.45 6.38
C ALA A 60 2.23 49.84 7.00
N PRO A 61 3.30 50.22 7.72
CA PRO A 61 3.30 51.54 8.38
C PRO A 61 3.63 52.72 7.45
N ASP A 62 3.12 53.89 7.78
CA ASP A 62 3.55 55.12 7.15
C ASP A 62 4.71 55.61 8.01
N LEU A 63 5.86 55.84 7.38
CA LEU A 63 7.04 56.32 8.13
C LEU A 63 6.69 57.66 8.76
N ILE A 64 7.33 57.98 9.88
CA ILE A 64 7.06 59.28 10.51
C ILE A 64 7.20 60.44 9.50
N GLY A 65 6.24 61.36 9.51
CA GLY A 65 6.24 62.48 8.57
C GLY A 65 5.75 62.17 7.16
N PHE A 66 5.40 60.90 6.92
CA PHE A 66 4.85 60.45 5.64
C PHE A 66 3.40 59.95 5.79
N GLY A 67 2.67 59.90 4.67
CA GLY A 67 1.30 59.38 4.68
C GLY A 67 0.42 60.07 5.70
N GLN A 68 -0.24 59.28 6.53
CA GLN A 68 -1.09 59.84 7.57
C GLN A 68 -0.44 59.83 8.95
N SER A 69 0.88 59.63 8.99
CA SER A 69 1.58 59.64 10.26
C SER A 69 1.71 61.06 10.80
N GLY A 70 2.09 61.15 12.07
CA GLY A 70 2.31 62.44 12.72
C GLY A 70 3.41 63.22 12.04
N LYS A 71 3.46 64.53 12.31
CA LYS A 71 4.47 65.43 11.70
C LYS A 71 5.25 66.20 12.77
N PRO A 72 5.98 65.47 13.64
CA PRO A 72 6.76 66.13 14.70
C PRO A 72 7.91 66.98 14.13
N ASP A 73 8.37 67.95 14.93
CA ASP A 73 9.46 68.80 14.48
C ASP A 73 10.79 68.10 14.73
N ILE A 74 11.20 67.25 13.79
CA ILE A 74 12.46 66.49 13.87
C ILE A 74 13.18 66.62 12.52
N ALA A 75 14.42 66.13 12.42
CA ALA A 75 15.17 66.31 11.19
C ALA A 75 14.79 65.30 10.10
N TYR A 76 14.17 64.19 10.49
CA TYR A 76 13.77 63.13 9.55
C TYR A 76 14.96 62.55 8.78
N ARG A 77 16.10 62.44 9.48
CA ARG A 77 17.25 61.72 8.97
C ARG A 77 16.97 60.21 8.99
N PHE A 78 17.80 59.44 8.30
CA PHE A 78 17.66 57.99 8.35
C PHE A 78 17.60 57.48 9.79
N PHE A 79 18.48 57.95 10.68
CA PHE A 79 18.49 57.46 12.06
C PHE A 79 17.20 57.81 12.82
N ASP A 80 16.56 58.94 12.49
CA ASP A 80 15.22 59.25 13.03
C ASP A 80 14.22 58.16 12.59
N HIS A 81 14.22 57.85 11.30
CA HIS A 81 13.30 56.80 10.78
C HIS A 81 13.54 55.45 11.43
N VAL A 82 14.81 55.10 11.62
CA VAL A 82 15.15 53.88 12.35
C VAL A 82 14.47 53.86 13.73
N ARG A 83 14.60 54.97 14.45
CA ARG A 83 14.09 55.08 15.82
C ARG A 83 12.57 54.90 15.85
N TYR A 84 11.86 55.57 14.95
CA TYR A 84 10.42 55.51 14.93
C TYR A 84 9.90 54.15 14.43
N LEU A 85 10.57 53.57 13.43
CA LEU A 85 10.17 52.23 12.98
C LEU A 85 10.36 51.18 14.07
N ASP A 86 11.50 51.25 14.78
CA ASP A 86 11.72 50.32 15.90
C ASP A 86 10.62 50.46 16.95
N ALA A 87 10.27 51.70 17.28
CA ALA A 87 9.24 51.93 18.28
C ALA A 87 7.85 51.47 17.82
N PHE A 88 7.60 51.56 16.52
CA PHE A 88 6.37 51.08 15.92
C PHE A 88 6.29 49.57 16.07
N ILE A 89 7.36 48.88 15.68
CA ILE A 89 7.45 47.42 15.84
C ILE A 89 7.19 46.98 17.28
N GLU A 90 7.78 47.69 18.23
CA GLU A 90 7.55 47.40 19.65
C GLU A 90 6.11 47.63 20.06
N GLN A 91 5.55 48.76 19.67
CA GLN A 91 4.16 49.08 20.04
C GLN A 91 3.18 48.02 19.49
N ARG A 92 3.44 47.52 18.28
CA ARG A 92 2.59 46.49 17.67
C ARG A 92 2.84 45.08 18.21
N GLY A 93 3.84 44.93 19.06
CA GLY A 93 4.18 43.64 19.63
C GLY A 93 4.68 42.61 18.65
N VAL A 94 5.30 43.07 17.56
CA VAL A 94 5.85 42.18 16.51
C VAL A 94 7.20 41.66 16.96
N THR A 95 7.33 40.33 17.03
CA THR A 95 8.56 39.71 17.57
C THR A 95 9.46 39.13 16.45
N SER A 96 8.89 38.89 15.27
CA SER A 96 9.66 38.48 14.10
C SER A 96 8.78 38.74 12.89
N ALA A 97 9.40 38.91 11.71
CA ALA A 97 8.59 39.26 10.54
C ALA A 97 9.34 38.96 9.26
N TYR A 98 8.59 38.65 8.20
CA TYR A 98 9.08 38.88 6.86
C TYR A 98 9.09 40.38 6.60
N LEU A 99 10.03 40.83 5.76
CA LEU A 99 10.05 42.22 5.32
C LEU A 99 9.88 42.28 3.81
N VAL A 100 9.08 43.26 3.38
CA VAL A 100 8.91 43.57 1.96
C VAL A 100 9.20 45.06 1.83
N ALA A 101 10.17 45.42 0.98
CA ALA A 101 10.66 46.82 0.99
C ALA A 101 11.11 47.33 -0.37
N GLN A 102 11.08 48.64 -0.53
CA GLN A 102 11.50 49.34 -1.73
C GLN A 102 12.12 50.68 -1.31
N ASP A 103 13.10 51.19 -2.09
CA ASP A 103 13.67 52.54 -1.84
C ASP A 103 14.24 52.58 -0.41
N TRP A 104 14.00 53.67 0.33
CA TRP A 104 14.48 53.79 1.71
C TRP A 104 13.95 52.69 2.63
N GLY A 105 12.82 52.09 2.26
CA GLY A 105 12.34 50.91 3.00
C GLY A 105 13.40 49.82 3.07
N THR A 106 14.17 49.66 1.99
CA THR A 106 15.19 48.63 1.97
C THR A 106 16.34 48.95 2.93
N ALA A 107 16.74 50.21 3.00
CA ALA A 107 17.81 50.60 3.92
C ALA A 107 17.36 50.32 5.35
N LEU A 108 16.11 50.68 5.68
CA LEU A 108 15.56 50.37 7.00
C LEU A 108 15.57 48.86 7.27
N ALA A 109 15.18 48.08 6.27
CA ALA A 109 15.14 46.61 6.38
C ALA A 109 16.54 46.03 6.60
N PHE A 110 17.51 46.47 5.79
CA PHE A 110 18.88 45.95 5.93
C PHE A 110 19.43 46.28 7.32
N HIS A 111 19.19 47.50 7.77
CA HIS A 111 19.69 47.97 9.06
C HIS A 111 19.02 47.20 10.22
N LEU A 112 17.72 46.93 10.07
CA LEU A 112 16.99 46.15 11.06
C LEU A 112 17.57 44.74 11.14
N ALA A 113 17.77 44.11 9.98
CA ALA A 113 18.27 42.75 9.92
C ALA A 113 19.70 42.65 10.47
N ALA A 114 20.47 43.72 10.30
CA ALA A 114 21.87 43.76 10.76
C ALA A 114 21.93 43.79 12.27
N ARG A 115 21.05 44.58 12.89
CA ARG A 115 21.02 44.74 14.35
C ARG A 115 20.27 43.59 15.05
N ARG A 116 19.32 42.99 14.34
CA ARG A 116 18.50 41.92 14.90
C ARG A 116 18.41 40.74 13.93
N PRO A 117 19.50 39.96 13.83
CA PRO A 117 19.63 38.90 12.84
C PRO A 117 18.59 37.77 13.00
N ASP A 118 17.98 37.65 14.16
CA ASP A 118 16.96 36.61 14.36
C ASP A 118 15.54 37.10 14.09
N PHE A 119 15.37 38.41 13.90
CA PHE A 119 14.03 39.00 13.67
C PHE A 119 13.51 38.69 12.26
N VAL A 120 14.40 38.66 11.28
CA VAL A 120 13.97 38.63 9.88
C VAL A 120 13.69 37.20 9.41
N ARG A 121 12.43 36.95 9.05
CA ARG A 121 12.04 35.61 8.57
C ARG A 121 12.41 35.44 7.11
N GLY A 122 12.48 36.57 6.40
CA GLY A 122 12.80 36.60 4.98
C GLY A 122 12.69 38.04 4.51
N LEU A 123 13.33 38.35 3.38
CA LEU A 123 13.32 39.70 2.83
C LEU A 123 13.00 39.69 1.35
N ALA A 124 11.87 40.30 1.01
CA ALA A 124 11.57 40.55 -0.39
C ALA A 124 11.84 42.03 -0.66
N PHE A 125 12.63 42.30 -1.68
CA PHE A 125 13.06 43.68 -1.92
C PHE A 125 13.25 44.02 -3.40
N MET A 126 13.42 45.31 -3.66
CA MET A 126 13.47 45.82 -5.02
C MET A 126 13.95 47.27 -4.98
N GLU A 127 14.66 47.70 -6.02
CA GLU A 127 15.06 49.11 -6.19
C GLU A 127 15.59 49.63 -4.86
N PHE A 128 16.58 48.90 -4.38
CA PHE A 128 17.13 49.10 -3.05
C PHE A 128 18.27 50.13 -3.02
N ILE A 129 18.56 50.61 -1.81
CA ILE A 129 19.67 51.53 -1.60
C ILE A 129 20.91 50.77 -1.15
N ARG A 130 22.06 51.12 -1.74
CA ARG A 130 23.32 50.52 -1.34
C ARG A 130 24.35 51.63 -1.20
N PRO A 131 25.42 51.39 -0.41
CA PRO A 131 26.53 52.36 -0.42
C PRO A 131 27.05 52.56 -1.85
N MET A 132 27.23 53.82 -2.23
CA MET A 132 27.67 54.19 -3.57
C MET A 132 28.97 54.97 -3.48
N PRO A 133 30.11 54.27 -3.70
CA PRO A 133 31.46 54.88 -3.57
C PRO A 133 31.65 56.14 -4.42
N THR A 134 31.01 56.19 -5.58
CA THR A 134 31.08 57.34 -6.47
C THR A 134 29.70 57.66 -7.01
N TRP A 135 29.54 58.87 -7.55
CA TRP A 135 28.30 59.26 -8.21
C TRP A 135 27.92 58.36 -9.38
N GLN A 136 28.91 57.72 -9.99
CA GLN A 136 28.66 56.79 -11.10
C GLN A 136 27.99 55.51 -10.62
N ASP A 137 28.00 55.29 -9.30
CA ASP A 137 27.30 54.16 -8.70
C ASP A 137 25.83 54.48 -8.38
N PHE A 138 25.47 55.76 -8.46
CA PHE A 138 24.08 56.17 -8.42
C PHE A 138 23.49 56.04 -9.82
N HIS A 139 22.40 55.27 -9.93
CA HIS A 139 21.83 54.87 -11.23
C HIS A 139 22.94 54.23 -12.06
N HIS A 140 23.62 53.25 -11.48
CA HIS A 140 24.69 52.56 -12.20
C HIS A 140 24.12 51.78 -13.38
N THR A 141 24.76 51.93 -14.54
CA THR A 141 24.41 51.15 -15.73
C THR A 141 25.56 51.14 -16.74
N GLU A 142 25.76 50.00 -17.40
CA GLU A 142 26.79 49.86 -18.45
C GLU A 142 26.18 49.99 -19.86
N VAL A 143 24.86 49.98 -19.95
CA VAL A 143 24.12 50.03 -21.21
C VAL A 143 24.17 51.43 -21.83
N ALA A 144 24.65 51.50 -23.08
CA ALA A 144 24.89 52.78 -23.76
C ALA A 144 23.63 53.64 -23.95
N GLU A 145 22.50 52.99 -24.21
CA GLU A 145 21.22 53.67 -24.42
C GLU A 145 20.69 54.29 -23.12
N GLU A 146 21.32 53.93 -22.00
CA GLU A 146 20.87 54.35 -20.67
C GLU A 146 21.70 55.48 -20.07
N GLN A 147 22.86 55.76 -20.67
CA GLN A 147 23.84 56.69 -20.09
C GLN A 147 23.28 58.09 -19.88
N ASP A 148 22.53 58.60 -20.85
CA ASP A 148 21.96 59.94 -20.77
C ASP A 148 20.90 60.06 -19.67
N HIS A 149 20.07 59.03 -19.50
CA HIS A 149 19.11 58.96 -18.39
C HIS A 149 19.83 58.92 -17.04
N ALA A 150 20.89 58.12 -16.97
CA ALA A 150 21.64 57.90 -15.74
C ALA A 150 22.27 59.22 -15.28
N GLU A 151 22.90 59.92 -16.23
CA GLU A 151 23.52 61.22 -15.96
C GLU A 151 22.50 62.26 -15.54
N ALA A 152 21.30 62.22 -16.12
CA ALA A 152 20.25 63.17 -15.77
C ALA A 152 19.73 62.95 -14.34
N ALA A 153 19.64 61.69 -13.93
CA ALA A 153 19.27 61.36 -12.54
C ALA A 153 20.33 61.86 -11.55
N ARG A 154 21.61 61.63 -11.88
CA ARG A 154 22.70 62.13 -11.05
C ARG A 154 22.64 63.64 -10.92
N ALA A 155 22.39 64.33 -12.03
CA ALA A 155 22.38 65.79 -12.05
C ALA A 155 21.32 66.35 -11.12
N VAL A 156 20.10 65.82 -11.19
CA VAL A 156 19.03 66.32 -10.33
C VAL A 156 19.26 65.99 -8.84
N PHE A 157 19.73 64.77 -8.54
CA PHE A 157 20.02 64.38 -7.15
C PHE A 157 21.21 65.16 -6.54
N ARG A 158 22.20 65.50 -7.36
CA ARG A 158 23.25 66.44 -6.91
C ARG A 158 22.64 67.75 -6.45
N LYS A 159 21.66 68.25 -7.20
CA LYS A 159 20.99 69.51 -6.86
C LYS A 159 20.16 69.38 -5.58
N PHE A 160 19.40 68.28 -5.46
CA PHE A 160 18.63 68.02 -4.25
C PHE A 160 19.54 68.08 -3.02
N ARG A 161 20.77 67.58 -3.18
CA ARG A 161 21.72 67.47 -2.07
C ARG A 161 22.46 68.76 -1.78
N THR A 162 22.29 69.75 -2.66
CA THR A 162 23.01 71.03 -2.51
C THR A 162 22.17 71.95 -1.63
N PRO A 163 22.76 72.45 -0.52
CA PRO A 163 22.02 73.42 0.30
C PRO A 163 21.52 74.59 -0.50
N GLY A 164 20.31 75.06 -0.18
CA GLY A 164 19.67 76.14 -0.92
C GLY A 164 18.87 75.66 -2.11
N GLU A 165 19.55 74.92 -2.99
CA GLU A 165 18.93 74.43 -4.22
C GLU A 165 17.85 73.38 -3.96
N GLY A 166 18.18 72.41 -3.11
CA GLY A 166 17.23 71.35 -2.80
C GLY A 166 15.94 71.89 -2.22
N GLU A 167 16.05 72.86 -1.32
CA GLU A 167 14.90 73.50 -0.70
C GLU A 167 13.92 74.05 -1.76
N ALA A 168 14.42 74.85 -2.71
CA ALA A 168 13.56 75.42 -3.75
C ALA A 168 12.86 74.34 -4.58
N MET A 169 13.57 73.26 -4.88
CA MET A 169 13.04 72.19 -5.73
C MET A 169 12.05 71.27 -5.01
N ILE A 170 12.43 70.78 -3.83
CA ILE A 170 11.60 69.83 -3.11
C ILE A 170 10.53 70.49 -2.22
N LEU A 171 10.88 71.55 -1.51
CA LEU A 171 9.92 72.22 -0.62
C LEU A 171 8.96 73.16 -1.34
N GLU A 172 9.51 74.02 -2.20
CA GLU A 172 8.71 75.02 -2.91
C GLU A 172 7.99 74.46 -4.13
N ALA A 173 8.73 73.80 -5.02
CA ALA A 173 8.17 73.32 -6.27
C ALA A 173 7.55 71.91 -6.15
N ASN A 174 7.81 71.27 -5.02
CA ASN A 174 7.30 69.92 -4.71
C ASN A 174 7.72 68.88 -5.76
N ALA A 175 8.96 69.04 -6.25
CA ALA A 175 9.47 68.24 -7.38
C ALA A 175 9.53 66.74 -7.13
N PHE A 176 9.73 66.31 -5.89
CA PHE A 176 9.87 64.87 -5.63
C PHE A 176 8.53 64.16 -5.83
N VAL A 177 7.46 64.78 -5.36
CA VAL A 177 6.09 64.28 -5.49
C VAL A 177 5.54 64.47 -6.92
N GLU A 178 5.76 65.65 -7.50
CA GLU A 178 5.12 66.01 -8.76
C GLU A 178 5.89 65.53 -9.99
N ARG A 179 7.18 65.24 -9.82
CA ARG A 179 8.02 64.88 -10.95
C ARG A 179 8.77 63.56 -10.76
N VAL A 180 9.54 63.46 -9.68
CA VAL A 180 10.36 62.25 -9.47
C VAL A 180 9.49 61.00 -9.35
N LEU A 181 8.42 61.10 -8.57
CA LEU A 181 7.50 59.97 -8.37
C LEU A 181 6.86 59.48 -9.69
N PRO A 182 6.13 60.36 -10.42
CA PRO A 182 5.57 59.87 -11.69
C PRO A 182 6.67 59.50 -12.70
N GLY A 183 7.84 60.14 -12.57
CA GLY A 183 9.00 59.80 -13.36
C GLY A 183 9.55 58.40 -13.15
N GLY A 184 9.11 57.73 -12.07
CA GLY A 184 9.56 56.38 -11.74
C GLY A 184 8.47 55.33 -11.89
N ILE A 185 7.40 55.71 -12.60
CA ILE A 185 6.24 54.86 -12.86
C ILE A 185 6.03 54.85 -14.39
N VAL A 186 5.94 53.65 -14.97
CA VAL A 186 5.80 53.52 -16.43
C VAL A 186 4.41 53.98 -16.91
N ARG A 187 3.36 53.46 -16.28
CA ARG A 187 1.98 53.90 -16.58
C ARG A 187 1.70 55.28 -15.99
N LYS A 188 0.56 55.86 -16.37
CA LYS A 188 0.11 57.12 -15.79
C LYS A 188 -0.96 56.80 -14.76
N LEU A 189 -0.71 57.21 -13.52
CA LEU A 189 -1.64 56.99 -12.43
C LEU A 189 -2.93 57.75 -12.68
N GLY A 190 -4.06 57.13 -12.36
CA GLY A 190 -5.34 57.83 -12.33
C GLY A 190 -5.26 58.93 -11.29
N ASP A 191 -6.06 59.97 -11.47
CA ASP A 191 -6.13 61.08 -10.52
C ASP A 191 -6.42 60.60 -9.09
N GLU A 192 -7.24 59.57 -8.98
CA GLU A 192 -7.62 59.00 -7.69
C GLU A 192 -6.47 58.22 -7.03
N GLU A 193 -5.56 57.69 -7.85
CA GLU A 193 -4.37 56.98 -7.36
C GLU A 193 -3.29 57.97 -6.93
N MET A 194 -3.16 59.04 -7.69
CA MET A 194 -2.15 60.06 -7.45
C MET A 194 -2.47 60.92 -6.23
N ALA A 195 -3.75 61.20 -5.99
CA ALA A 195 -4.16 62.10 -4.89
C ALA A 195 -3.61 61.74 -3.49
N PRO A 196 -3.73 60.47 -3.03
CA PRO A 196 -3.16 60.15 -1.72
C PRO A 196 -1.64 60.31 -1.62
N TYR A 197 -0.95 60.45 -2.76
CA TYR A 197 0.47 60.74 -2.72
C TYR A 197 0.72 62.23 -2.45
N ARG A 198 -0.23 63.07 -2.84
CA ARG A 198 -0.12 64.53 -2.67
C ARG A 198 -0.56 65.01 -1.31
N THR A 199 -1.63 64.42 -0.79
CA THR A 199 -2.27 64.92 0.42
C THR A 199 -1.41 64.98 1.71
N PRO A 200 -0.36 64.12 1.82
CA PRO A 200 0.51 64.25 3.00
C PRO A 200 1.37 65.52 2.97
N PHE A 201 1.43 66.17 1.82
CA PHE A 201 2.40 67.24 1.57
C PHE A 201 1.77 68.55 1.05
N PRO A 202 0.83 69.15 1.83
CA PRO A 202 0.12 70.35 1.39
C PRO A 202 0.95 71.65 1.36
N THR A 203 2.06 71.66 2.09
CA THR A 203 2.85 72.88 2.29
C THR A 203 4.36 72.62 2.16
N PRO A 204 5.13 73.67 1.84
CA PRO A 204 6.59 73.55 1.92
C PRO A 204 7.12 72.94 3.22
N GLU A 205 6.61 73.39 4.39
CA GLU A 205 7.12 72.85 5.66
C GLU A 205 6.85 71.34 5.79
N SER A 206 5.69 70.90 5.32
CA SER A 206 5.32 69.48 5.36
C SER A 206 6.27 68.61 4.51
N ARG A 207 6.97 69.21 3.56
CA ARG A 207 7.86 68.46 2.67
C ARG A 207 9.27 68.26 3.23
N ARG A 208 9.52 68.77 4.44
CA ARG A 208 10.83 68.55 5.11
C ARG A 208 11.36 67.10 5.03
N PRO A 209 10.49 66.09 5.29
CA PRO A 209 11.05 64.72 5.24
C PRO A 209 11.44 64.27 3.83
N VAL A 210 10.77 64.82 2.81
CA VAL A 210 11.04 64.47 1.42
C VAL A 210 12.40 65.03 1.00
N LEU A 211 12.72 66.22 1.49
CA LEU A 211 14.04 66.82 1.24
C LEU A 211 15.13 66.14 2.02
N ALA A 212 14.81 65.69 3.23
CA ALA A 212 15.84 65.09 4.08
C ALA A 212 16.43 63.80 3.46
N PHE A 213 15.55 62.99 2.85
CA PHE A 213 15.95 61.66 2.38
C PHE A 213 17.08 61.68 1.33
N PRO A 214 16.95 62.49 0.26
CA PRO A 214 18.05 62.44 -0.73
C PRO A 214 19.37 62.90 -0.16
N ARG A 215 19.30 63.78 0.85
CA ARG A 215 20.52 64.20 1.58
C ARG A 215 21.13 63.14 2.48
N GLU A 216 20.39 62.04 2.69
CA GLU A 216 20.85 60.90 3.47
C GLU A 216 21.46 59.80 2.60
N LEU A 217 21.28 59.89 1.27
CA LEU A 217 21.79 58.83 0.38
C LEU A 217 23.31 58.65 0.57
N PRO A 218 23.77 57.39 0.70
CA PRO A 218 25.18 57.15 0.96
C PRO A 218 25.98 57.22 -0.34
N ILE A 219 26.44 58.42 -0.68
CA ILE A 219 27.15 58.64 -1.95
C ILE A 219 28.52 59.28 -1.72
N ALA A 220 29.56 58.66 -2.28
CA ALA A 220 30.93 59.19 -2.13
C ALA A 220 31.29 59.40 -0.66
N GLY A 221 30.84 58.46 0.18
CA GLY A 221 31.20 58.43 1.59
C GLY A 221 30.48 59.43 2.47
N GLU A 222 29.52 60.19 1.92
CA GLU A 222 28.79 61.21 2.71
C GLU A 222 27.27 61.11 2.54
N PRO A 223 26.49 61.32 3.64
CA PRO A 223 26.94 61.57 5.02
C PRO A 223 27.56 60.30 5.59
N ALA A 224 28.71 60.45 6.25
CA ALA A 224 29.54 59.31 6.62
C ALA A 224 28.94 58.42 7.71
N ASP A 225 28.10 59.00 8.55
CA ASP A 225 27.44 58.20 9.56
C ASP A 225 26.48 57.19 8.94
N VAL A 226 25.69 57.64 7.96
CA VAL A 226 24.76 56.78 7.26
C VAL A 226 25.55 55.82 6.36
N TYR A 227 26.59 56.34 5.71
CA TYR A 227 27.41 55.53 4.83
C TYR A 227 27.95 54.32 5.58
N GLU A 228 28.52 54.56 6.76
CA GLU A 228 29.07 53.46 7.57
C GLU A 228 28.01 52.49 8.05
N ALA A 229 26.84 53.01 8.45
CA ALA A 229 25.74 52.15 8.90
C ALA A 229 25.27 51.25 7.78
N LEU A 230 25.17 51.81 6.58
CA LEU A 230 24.67 51.03 5.44
C LEU A 230 25.74 50.10 4.90
N GLN A 231 27.03 50.45 5.06
CA GLN A 231 28.09 49.48 4.70
C GLN A 231 27.99 48.25 5.58
N SER A 232 27.81 48.48 6.88
CA SER A 232 27.70 47.38 7.84
C SER A 232 26.43 46.56 7.58
N ALA A 233 25.34 47.24 7.27
CA ALA A 233 24.10 46.55 6.90
C ALA A 233 24.32 45.68 5.66
N HIS A 234 25.05 46.19 4.68
CA HIS A 234 25.31 45.40 3.47
C HIS A 234 26.20 44.20 3.70
N ALA A 235 27.21 44.34 4.56
CA ALA A 235 28.04 43.20 4.95
C ALA A 235 27.22 42.12 5.65
N ALA A 236 26.34 42.53 6.56
CA ALA A 236 25.43 41.59 7.26
C ALA A 236 24.48 40.90 6.27
N LEU A 237 23.95 41.67 5.31
CA LEU A 237 23.09 41.13 4.25
C LEU A 237 23.84 40.05 3.40
N ALA A 238 25.07 40.37 2.99
CA ALA A 238 25.92 39.45 2.23
C ALA A 238 26.12 38.10 2.92
N ALA A 239 26.25 38.15 4.25
CA ALA A 239 26.47 36.96 5.05
C ALA A 239 25.19 36.32 5.59
N SER A 240 24.05 36.99 5.40
CA SER A 240 22.78 36.51 5.97
C SER A 240 22.33 35.16 5.35
N SER A 241 21.56 34.39 6.09
CA SER A 241 21.12 33.10 5.59
C SER A 241 19.60 32.96 5.45
N TYR A 242 18.82 33.96 5.88
CA TYR A 242 17.37 33.94 5.69
C TYR A 242 17.00 34.03 4.20
N PRO A 243 15.83 33.50 3.80
CA PRO A 243 15.46 33.55 2.38
C PRO A 243 15.28 34.97 1.88
N LYS A 244 15.66 35.22 0.62
CA LYS A 244 15.54 36.53 0.02
C LYS A 244 14.93 36.43 -1.37
N LEU A 245 14.21 37.48 -1.74
CA LEU A 245 13.57 37.56 -3.04
C LEU A 245 13.80 38.95 -3.61
N LEU A 246 14.54 39.03 -4.70
CA LEU A 246 14.83 40.32 -5.35
C LEU A 246 14.04 40.50 -6.63
N PHE A 247 13.24 41.55 -6.69
CA PHE A 247 12.53 41.89 -7.92
C PHE A 247 13.32 42.91 -8.71
N THR A 248 13.34 42.74 -10.03
CA THR A 248 13.97 43.72 -10.91
C THR A 248 13.04 44.15 -12.04
N GLY A 249 13.16 45.40 -12.46
CA GLY A 249 12.50 45.90 -13.67
C GLY A 249 13.47 46.22 -14.81
N GLU A 250 12.91 46.43 -15.99
CA GLU A 250 13.69 46.79 -17.17
C GLU A 250 13.37 48.24 -17.58
N PRO A 251 14.34 49.16 -17.40
CA PRO A 251 15.69 48.96 -16.93
C PRO A 251 15.87 49.13 -15.42
N GLY A 252 14.79 49.49 -14.72
CA GLY A 252 14.87 49.83 -13.29
C GLY A 252 15.45 51.23 -13.19
N ALA A 253 16.09 51.54 -12.06
CA ALA A 253 16.72 52.85 -11.88
C ALA A 253 17.95 52.73 -11.01
N LEU A 254 17.77 52.42 -9.72
CA LEU A 254 18.88 52.28 -8.81
C LEU A 254 19.54 50.91 -8.93
N VAL A 255 18.79 49.97 -9.50
CA VAL A 255 19.27 48.61 -9.69
C VAL A 255 19.10 48.26 -11.16
N SER A 256 20.20 47.95 -11.83
CA SER A 256 20.14 47.50 -13.22
C SER A 256 19.92 45.99 -13.25
N PRO A 257 19.35 45.47 -14.37
CA PRO A 257 19.14 44.01 -14.50
C PRO A 257 20.42 43.21 -14.32
N GLU A 258 21.50 43.69 -14.90
CA GLU A 258 22.79 43.01 -14.79
C GLU A 258 23.31 43.02 -13.36
N PHE A 259 23.24 44.18 -12.69
CA PHE A 259 23.64 44.28 -11.29
C PHE A 259 22.82 43.35 -10.40
N ALA A 260 21.51 43.34 -10.60
CA ALA A 260 20.58 42.52 -9.81
C ALA A 260 20.92 41.04 -9.89
N GLU A 261 21.10 40.56 -11.13
CA GLU A 261 21.37 39.14 -11.36
C GLU A 261 22.65 38.71 -10.65
N ARG A 262 23.69 39.52 -10.77
CA ARG A 262 24.98 39.22 -10.17
C ARG A 262 24.91 39.33 -8.64
N PHE A 263 24.25 40.37 -8.15
CA PHE A 263 24.06 40.57 -6.71
C PHE A 263 23.29 39.41 -6.09
N ALA A 264 22.21 38.99 -6.73
CA ALA A 264 21.37 37.90 -6.21
C ALA A 264 22.13 36.57 -6.14
N ALA A 265 22.92 36.28 -7.17
CA ALA A 265 23.68 35.03 -7.21
C ALA A 265 24.76 35.01 -6.14
N SER A 266 25.30 36.18 -5.83
CA SER A 266 26.34 36.33 -4.80
C SER A 266 25.83 36.14 -3.36
N LEU A 267 24.53 36.33 -3.15
CA LEU A 267 23.96 36.18 -1.81
C LEU A 267 23.61 34.72 -1.53
N THR A 268 23.34 34.42 -0.25
CA THR A 268 22.82 33.12 0.15
C THR A 268 21.29 33.14 0.09
N ARG A 269 20.71 32.20 -0.67
CA ARG A 269 19.24 32.02 -0.75
C ARG A 269 18.50 33.24 -1.26
N CYS A 270 19.08 33.90 -2.27
CA CYS A 270 18.39 35.01 -2.89
C CYS A 270 17.87 34.66 -4.28
N ALA A 271 16.54 34.52 -4.37
CA ALA A 271 15.87 34.28 -5.63
C ALA A 271 15.69 35.61 -6.34
N LEU A 272 15.60 35.54 -7.67
CA LEU A 272 15.44 36.70 -8.50
C LEU A 272 14.17 36.55 -9.31
N ILE A 273 13.39 37.62 -9.42
CA ILE A 273 12.24 37.66 -10.32
C ILE A 273 12.35 38.89 -11.22
N ARG A 274 12.39 38.64 -12.52
CA ARG A 274 12.58 39.69 -13.52
C ARG A 274 11.23 40.14 -14.07
N LEU A 275 10.75 41.31 -13.62
CA LEU A 275 9.37 41.76 -13.84
C LEU A 275 8.97 42.33 -15.20
N GLY A 276 9.93 42.83 -15.98
CA GLY A 276 9.59 43.48 -17.25
C GLY A 276 9.69 45.00 -17.12
N ALA A 277 9.08 45.73 -18.06
CA ALA A 277 9.26 47.19 -18.12
C ALA A 277 8.92 47.85 -16.78
N GLY A 278 9.86 48.63 -16.27
CA GLY A 278 9.72 49.24 -14.95
C GLY A 278 10.89 50.14 -14.59
N LEU A 279 10.60 51.07 -13.70
CA LEU A 279 11.54 52.09 -13.29
C LEU A 279 11.77 51.98 -11.78
N HIS A 280 11.78 53.08 -11.05
CA HIS A 280 12.06 53.00 -9.61
C HIS A 280 10.87 52.45 -8.79
N TYR A 281 9.66 52.90 -9.09
CA TYR A 281 8.48 52.54 -8.28
C TYR A 281 7.75 51.34 -8.88
N LEU A 282 8.44 50.20 -8.84
CA LEU A 282 7.98 48.94 -9.46
C LEU A 282 6.60 48.50 -8.97
N GLN A 283 6.27 48.78 -7.71
CA GLN A 283 4.98 48.41 -7.15
C GLN A 283 3.81 48.88 -8.01
N GLU A 284 3.91 50.08 -8.56
CA GLU A 284 2.77 50.68 -9.25
C GLU A 284 2.54 50.07 -10.63
N ASP A 285 3.61 49.51 -11.23
CA ASP A 285 3.49 48.86 -12.53
C ASP A 285 3.34 47.35 -12.42
N HIS A 286 3.69 46.80 -11.26
CA HIS A 286 3.72 45.34 -11.13
C HIS A 286 3.08 44.81 -9.85
N ALA A 287 2.06 45.50 -9.37
CA ALA A 287 1.45 45.14 -8.09
C ALA A 287 1.01 43.68 -8.05
N ASP A 288 0.30 43.22 -9.08
CA ASP A 288 -0.20 41.85 -9.09
C ASP A 288 0.97 40.84 -9.09
N ALA A 289 1.99 41.09 -9.92
CA ALA A 289 3.12 40.19 -10.03
C ALA A 289 3.86 40.10 -8.71
N ILE A 290 4.04 41.24 -8.05
CA ILE A 290 4.75 41.27 -6.79
C ILE A 290 3.94 40.57 -5.69
N GLY A 291 2.66 40.93 -5.56
CA GLY A 291 1.81 40.35 -4.51
C GLY A 291 1.69 38.84 -4.64
N ARG A 292 1.47 38.36 -5.86
CA ARG A 292 1.32 36.92 -6.09
C ARG A 292 2.63 36.18 -5.82
N SER A 293 3.73 36.76 -6.28
CA SER A 293 5.04 36.16 -6.06
C SER A 293 5.40 36.05 -4.57
N VAL A 294 5.22 37.15 -3.84
CA VAL A 294 5.56 37.20 -2.43
C VAL A 294 4.68 36.26 -1.63
N ALA A 295 3.39 36.22 -1.93
CA ALA A 295 2.46 35.37 -1.20
C ALA A 295 2.85 33.90 -1.39
N GLY A 296 3.19 33.54 -2.62
CA GLY A 296 3.61 32.17 -2.93
C GLY A 296 4.90 31.81 -2.22
N TRP A 297 5.84 32.76 -2.20
CA TRP A 297 7.17 32.56 -1.63
C TRP A 297 7.08 32.38 -0.12
N ILE A 298 6.29 33.22 0.54
CA ILE A 298 6.01 33.03 1.96
C ILE A 298 5.36 31.66 2.23
N ALA A 299 4.36 31.30 1.43
CA ALA A 299 3.70 30.00 1.61
C ALA A 299 4.70 28.86 1.51
N GLY A 300 5.60 28.95 0.53
CA GLY A 300 6.62 27.92 0.32
C GLY A 300 7.56 27.76 1.51
N ILE A 301 8.12 28.87 1.98
CA ILE A 301 9.00 28.86 3.15
C ILE A 301 8.27 28.29 4.38
N GLU A 302 7.04 28.76 4.62
CA GLU A 302 6.27 28.29 5.75
C GLU A 302 5.96 26.79 5.64
N ALA A 303 5.74 26.34 4.41
CA ALA A 303 5.37 24.94 4.16
C ALA A 303 6.43 23.95 4.61
N VAL A 304 7.69 24.39 4.62
CA VAL A 304 8.82 23.51 4.95
C VAL A 304 9.52 23.85 6.28
N ARG A 305 8.82 24.61 7.14
CA ARG A 305 9.26 24.81 8.53
C ARG A 305 9.21 23.48 9.29
N PRO A 306 10.03 23.34 10.35
CA PRO A 306 10.13 22.05 11.07
C PRO A 306 8.77 21.46 11.48
N GLN A 307 8.61 20.15 11.26
CA GLN A 307 7.31 19.47 11.43
C GLN A 307 7.00 19.19 12.90
N HIS A 314 9.14 7.62 21.01
CA HIS A 314 10.05 6.48 21.18
C HIS A 314 11.32 6.98 21.85
N HIS A 315 11.53 6.51 23.07
CA HIS A 315 12.70 6.93 23.86
C HIS A 315 12.84 5.99 25.04
N HIS A 316 14.04 5.98 25.63
CA HIS A 316 14.27 5.31 26.91
C HIS A 316 13.54 5.99 28.05
N ILE B 9 6.64 21.36 -29.52
CA ILE B 9 5.99 20.12 -28.97
C ILE B 9 6.87 18.90 -29.19
N ARG B 10 7.12 18.16 -28.12
CA ARG B 10 7.95 16.99 -28.17
C ARG B 10 7.05 15.78 -28.06
N ARG B 11 7.61 14.60 -28.31
CA ARG B 11 6.81 13.38 -28.32
C ARG B 11 7.57 12.24 -27.64
N ALA B 12 6.90 11.60 -26.69
CA ALA B 12 7.46 10.47 -25.97
C ALA B 12 6.72 9.20 -26.40
N PRO B 13 7.47 8.17 -26.83
CA PRO B 13 6.80 6.90 -27.09
C PRO B 13 6.41 6.25 -25.76
N VAL B 14 5.17 5.79 -25.67
CA VAL B 14 4.58 5.33 -24.42
C VAL B 14 3.65 4.15 -24.73
N LEU B 15 3.98 2.96 -24.23
CA LEU B 15 3.10 1.78 -24.31
C LEU B 15 2.59 1.47 -25.72
N GLY B 16 3.49 1.64 -26.69
CA GLY B 16 3.16 1.37 -28.09
C GLY B 16 2.44 2.49 -28.82
N SER B 17 2.10 3.56 -28.09
CA SER B 17 1.56 4.78 -28.70
C SER B 17 2.53 5.94 -28.37
N SER B 18 2.02 7.16 -28.20
CA SER B 18 2.90 8.28 -27.86
C SER B 18 2.13 9.32 -27.08
N MET B 19 2.85 10.04 -26.23
CA MET B 19 2.30 11.20 -25.55
C MET B 19 3.10 12.43 -25.95
N ALA B 20 2.39 13.45 -26.41
CA ALA B 20 3.00 14.73 -26.74
C ALA B 20 3.22 15.48 -25.44
N TYR B 21 4.22 16.34 -25.40
CA TYR B 21 4.45 17.16 -24.21
C TYR B 21 5.17 18.44 -24.58
N ARG B 22 5.00 19.46 -23.73
CA ARG B 22 5.75 20.72 -23.80
C ARG B 22 6.75 20.73 -22.68
N GLU B 23 7.91 21.34 -22.93
CA GLU B 23 8.97 21.33 -21.93
C GLU B 23 9.71 22.68 -21.99
N THR B 24 10.05 23.22 -20.83
CA THR B 24 10.81 24.48 -20.77
C THR B 24 11.55 24.55 -19.45
N GLY B 25 12.58 25.38 -19.37
CA GLY B 25 13.38 25.44 -18.16
C GLY B 25 14.68 24.66 -18.24
N ALA B 26 15.56 24.90 -17.27
CA ALA B 26 16.88 24.28 -17.21
C ALA B 26 16.81 22.82 -16.75
N GLN B 27 17.58 21.96 -17.41
CA GLN B 27 17.55 20.52 -17.12
C GLN B 27 17.95 20.17 -15.68
N ASP B 28 18.70 21.05 -15.02
CA ASP B 28 19.14 20.74 -13.66
C ASP B 28 18.30 21.39 -12.55
N ALA B 29 17.19 22.04 -12.92
CA ALA B 29 16.27 22.63 -11.97
C ALA B 29 15.26 21.57 -11.50
N PRO B 30 14.57 21.78 -10.35
CA PRO B 30 13.54 20.81 -9.93
C PRO B 30 12.50 20.63 -11.01
N VAL B 31 12.01 19.40 -11.20
CA VAL B 31 10.97 19.15 -12.18
C VAL B 31 9.62 19.58 -11.63
N VAL B 32 8.82 20.20 -12.48
CA VAL B 32 7.40 20.44 -12.20
C VAL B 32 6.60 19.80 -13.32
N LEU B 33 5.68 18.90 -12.96
CA LEU B 33 4.80 18.22 -13.91
C LEU B 33 3.44 18.88 -13.85
N PHE B 34 2.98 19.37 -14.99
CA PHE B 34 1.68 20.04 -15.10
C PHE B 34 0.69 19.07 -15.68
N LEU B 35 -0.43 18.84 -14.97
CA LEU B 35 -1.39 17.80 -15.38
C LEU B 35 -2.76 18.41 -15.68
N HIS B 36 -3.16 18.41 -16.96
CA HIS B 36 -4.48 18.89 -17.36
C HIS B 36 -5.53 17.79 -17.15
N GLY B 37 -6.80 18.14 -17.39
CA GLY B 37 -7.87 17.17 -17.38
C GLY B 37 -8.80 17.31 -18.60
N ASN B 38 -10.09 17.09 -18.40
CA ASN B 38 -11.05 17.02 -19.51
C ASN B 38 -11.55 18.42 -19.85
N PRO B 39 -11.74 18.75 -21.15
CA PRO B 39 -11.28 18.10 -22.39
C PRO B 39 -10.09 18.90 -22.91
N THR B 40 -9.11 19.14 -22.05
CA THR B 40 -8.07 20.11 -22.39
C THR B 40 -6.79 19.39 -22.79
N SER B 41 -5.65 20.06 -22.69
CA SER B 41 -4.34 19.46 -23.03
C SER B 41 -3.30 20.37 -22.43
N SER B 42 -2.01 20.10 -22.69
CA SER B 42 -0.95 21.00 -22.21
C SER B 42 -1.14 22.45 -22.70
N HIS B 43 -1.95 22.63 -23.73
CA HIS B 43 -2.35 23.96 -24.22
C HIS B 43 -2.88 24.88 -23.11
N ILE B 44 -3.58 24.30 -22.12
CA ILE B 44 -4.15 25.10 -21.02
C ILE B 44 -3.06 25.74 -20.14
N TRP B 45 -1.84 25.21 -20.19
CA TRP B 45 -0.74 25.75 -19.37
C TRP B 45 0.13 26.74 -20.13
N ARG B 46 -0.23 27.06 -21.37
CA ARG B 46 0.69 27.80 -22.27
C ARG B 46 1.15 29.16 -21.70
N ASN B 47 0.24 29.83 -20.99
CA ASN B 47 0.56 31.13 -20.40
C ASN B 47 1.04 31.04 -18.97
N ILE B 48 1.13 29.82 -18.43
CA ILE B 48 1.60 29.58 -17.07
C ILE B 48 3.07 29.12 -17.06
N LEU B 49 3.41 28.19 -17.97
CA LEU B 49 4.78 27.67 -18.10
C LEU B 49 5.89 28.74 -18.15
N PRO B 50 5.72 29.80 -18.97
CA PRO B 50 6.83 30.79 -19.02
C PRO B 50 7.13 31.51 -17.70
N LEU B 51 6.17 31.50 -16.77
CA LEU B 51 6.34 32.17 -15.49
C LEU B 51 7.02 31.26 -14.48
N VAL B 52 6.99 29.95 -14.73
CA VAL B 52 7.54 28.98 -13.79
C VAL B 52 8.91 28.49 -14.28
N SER B 53 9.10 28.54 -15.59
CA SER B 53 10.36 28.05 -16.18
C SER B 53 11.64 28.70 -15.60
N PRO B 54 11.58 29.96 -15.10
CA PRO B 54 12.80 30.52 -14.48
C PRO B 54 13.31 29.74 -13.27
N VAL B 55 12.44 28.98 -12.59
CA VAL B 55 12.83 28.28 -11.38
C VAL B 55 12.71 26.77 -11.47
N ALA B 56 12.19 26.25 -12.57
CA ALA B 56 11.95 24.81 -12.64
C ALA B 56 12.00 24.27 -14.04
N HIS B 57 12.30 22.97 -14.16
CA HIS B 57 12.20 22.24 -15.39
C HIS B 57 10.73 21.84 -15.55
N CYS B 58 10.00 22.59 -16.36
CA CYS B 58 8.56 22.38 -16.53
C CYS B 58 8.28 21.34 -17.62
N ILE B 59 7.50 20.31 -17.29
CA ILE B 59 7.07 19.29 -18.26
C ILE B 59 5.54 19.21 -18.23
N ALA B 60 4.91 19.38 -19.39
CA ALA B 60 3.44 19.37 -19.46
C ALA B 60 2.95 18.40 -20.51
N PRO B 61 2.58 17.17 -20.08
CA PRO B 61 2.14 16.19 -21.09
C PRO B 61 0.69 16.33 -21.51
N ASP B 62 0.39 15.92 -22.73
CA ASP B 62 -0.97 15.69 -23.14
C ASP B 62 -1.33 14.27 -22.73
N LEU B 63 -2.39 14.12 -21.94
CA LEU B 63 -2.87 12.77 -21.59
C LEU B 63 -3.13 11.97 -22.86
N ILE B 64 -2.95 10.66 -22.80
CA ILE B 64 -3.26 9.80 -23.95
C ILE B 64 -4.68 10.08 -24.48
N GLY B 65 -4.82 10.19 -25.79
CA GLY B 65 -6.12 10.55 -26.41
C GLY B 65 -6.48 12.04 -26.42
N PHE B 66 -5.65 12.87 -25.78
CA PHE B 66 -5.86 14.32 -25.71
C PHE B 66 -4.74 15.10 -26.42
N GLY B 67 -5.02 16.37 -26.76
CA GLY B 67 -3.99 17.22 -27.36
C GLY B 67 -3.40 16.57 -28.60
N GLN B 68 -2.08 16.53 -28.66
CA GLN B 68 -1.40 15.90 -29.80
C GLN B 68 -0.89 14.51 -29.49
N SER B 69 -1.35 13.94 -28.39
CA SER B 69 -1.00 12.57 -28.07
C SER B 69 -1.63 11.57 -29.03
N GLY B 70 -1.11 10.35 -29.01
CA GLY B 70 -1.65 9.25 -29.79
C GLY B 70 -3.08 8.92 -29.38
N LYS B 71 -3.75 8.16 -30.24
CA LYS B 71 -5.17 7.81 -30.04
C LYS B 71 -5.36 6.28 -30.12
N PRO B 72 -4.77 5.54 -29.16
CA PRO B 72 -4.86 4.08 -29.19
C PRO B 72 -6.27 3.58 -28.91
N ASP B 73 -6.52 2.31 -29.23
CA ASP B 73 -7.85 1.73 -29.08
C ASP B 73 -8.00 1.18 -27.67
N ILE B 74 -8.28 2.10 -26.74
CA ILE B 74 -8.50 1.71 -25.34
C ILE B 74 -9.77 2.39 -24.88
N ALA B 75 -10.20 2.07 -23.66
CA ALA B 75 -11.44 2.64 -23.13
C ALA B 75 -11.27 4.04 -22.55
N TYR B 76 -10.01 4.42 -22.26
CA TYR B 76 -9.67 5.73 -21.64
C TYR B 76 -10.30 5.91 -20.25
N ARG B 77 -10.27 4.82 -19.46
CA ARG B 77 -10.69 4.89 -18.07
C ARG B 77 -9.65 5.66 -17.27
N PHE B 78 -10.01 6.08 -16.07
CA PHE B 78 -9.06 6.74 -15.19
C PHE B 78 -7.79 5.91 -15.05
N PHE B 79 -7.92 4.59 -14.88
CA PHE B 79 -6.76 3.73 -14.67
C PHE B 79 -5.90 3.57 -15.90
N ASP B 80 -6.49 3.74 -17.08
CA ASP B 80 -5.71 3.88 -18.31
C ASP B 80 -4.82 5.11 -18.24
N HIS B 81 -5.40 6.27 -17.89
CA HIS B 81 -4.57 7.48 -17.75
C HIS B 81 -3.46 7.31 -16.74
N VAL B 82 -3.76 6.63 -15.64
CA VAL B 82 -2.73 6.35 -14.64
C VAL B 82 -1.55 5.60 -15.25
N ARG B 83 -1.85 4.53 -15.97
CA ARG B 83 -0.80 3.68 -16.53
C ARG B 83 0.03 4.44 -17.57
N TYR B 84 -0.64 5.19 -18.46
CA TYR B 84 0.07 5.96 -19.48
C TYR B 84 0.91 7.08 -18.85
N LEU B 85 0.39 7.75 -17.83
CA LEU B 85 1.18 8.81 -17.17
C LEU B 85 2.40 8.21 -16.46
N ASP B 86 2.23 7.05 -15.81
CA ASP B 86 3.38 6.39 -15.15
C ASP B 86 4.46 6.01 -16.19
N ALA B 87 4.02 5.53 -17.35
CA ALA B 87 4.95 5.17 -18.42
C ALA B 87 5.65 6.43 -18.97
N PHE B 88 4.91 7.53 -19.06
CA PHE B 88 5.48 8.80 -19.49
C PHE B 88 6.56 9.28 -18.51
N ILE B 89 6.24 9.27 -17.22
CA ILE B 89 7.19 9.65 -16.17
C ILE B 89 8.49 8.84 -16.28
N GLU B 90 8.35 7.52 -16.46
CA GLU B 90 9.52 6.65 -16.61
C GLU B 90 10.32 6.97 -17.90
N GLN B 91 9.59 7.20 -19.00
CA GLN B 91 10.21 7.47 -20.29
C GLN B 91 11.06 8.74 -20.23
N ARG B 92 10.56 9.72 -19.48
CA ARG B 92 11.23 11.01 -19.33
C ARG B 92 12.32 10.98 -18.26
N GLY B 93 12.44 9.86 -17.53
CA GLY B 93 13.45 9.72 -16.48
C GLY B 93 13.25 10.60 -15.24
N VAL B 94 12.00 10.99 -14.99
CA VAL B 94 11.67 11.87 -13.84
C VAL B 94 11.61 11.06 -12.55
N THR B 95 12.40 11.44 -11.54
CA THR B 95 12.51 10.64 -10.32
C THR B 95 11.77 11.28 -9.14
N SER B 96 11.50 12.58 -9.27
CA SER B 96 10.66 13.29 -8.31
C SER B 96 10.23 14.60 -8.96
N ALA B 97 9.12 15.16 -8.49
CA ALA B 97 8.66 16.43 -9.09
C ALA B 97 7.65 17.11 -8.20
N TYR B 98 7.52 18.43 -8.39
CA TYR B 98 6.32 19.15 -7.99
C TYR B 98 5.21 18.79 -9.00
N LEU B 99 3.97 18.78 -8.52
CA LEU B 99 2.82 18.52 -9.38
C LEU B 99 1.94 19.76 -9.37
N VAL B 100 1.48 20.17 -10.56
CA VAL B 100 0.51 21.28 -10.67
C VAL B 100 -0.63 20.72 -11.48
N ALA B 101 -1.86 20.81 -10.96
CA ALA B 101 -2.95 20.03 -11.54
C ALA B 101 -4.30 20.69 -11.41
N GLN B 102 -5.20 20.36 -12.35
CA GLN B 102 -6.58 20.86 -12.35
C GLN B 102 -7.47 19.74 -12.89
N ASP B 103 -8.73 19.69 -12.43
CA ASP B 103 -9.70 18.70 -13.00
C ASP B 103 -9.13 17.28 -12.82
N TRP B 104 -9.28 16.40 -13.81
CA TRP B 104 -8.79 15.01 -13.69
C TRP B 104 -7.27 14.93 -13.44
N GLY B 105 -6.55 15.98 -13.79
CA GLY B 105 -5.13 16.07 -13.42
C GLY B 105 -4.92 15.91 -11.93
N THR B 106 -5.85 16.43 -11.13
CA THR B 106 -5.72 16.35 -9.66
C THR B 106 -5.89 14.91 -9.19
N ALA B 107 -6.82 14.19 -9.81
CA ALA B 107 -7.03 12.78 -9.46
C ALA B 107 -5.77 11.98 -9.75
N LEU B 108 -5.16 12.23 -10.91
CA LEU B 108 -3.92 11.56 -11.27
C LEU B 108 -2.83 11.93 -10.25
N ALA B 109 -2.76 13.20 -9.88
CA ALA B 109 -1.75 13.64 -8.90
C ALA B 109 -1.98 13.01 -7.54
N PHE B 110 -3.22 13.00 -7.07
CA PHE B 110 -3.51 12.43 -5.76
C PHE B 110 -3.19 10.92 -5.74
N HIS B 111 -3.55 10.23 -6.81
CA HIS B 111 -3.30 8.79 -6.88
C HIS B 111 -1.79 8.49 -6.96
N LEU B 112 -1.06 9.33 -7.68
CA LEU B 112 0.41 9.17 -7.78
C LEU B 112 1.00 9.38 -6.39
N ALA B 113 0.54 10.43 -5.69
CA ALA B 113 1.09 10.75 -4.36
C ALA B 113 0.76 9.65 -3.34
N ALA B 114 -0.41 9.00 -3.50
CA ALA B 114 -0.82 7.92 -2.59
C ALA B 114 0.10 6.71 -2.75
N ARG B 115 0.56 6.46 -3.97
CA ARG B 115 1.43 5.28 -4.24
C ARG B 115 2.90 5.57 -4.04
N ARG B 116 3.28 6.80 -4.32
CA ARG B 116 4.71 7.16 -4.32
C ARG B 116 4.91 8.51 -3.63
N PRO B 117 4.71 8.56 -2.30
CA PRO B 117 4.79 9.85 -1.63
C PRO B 117 6.17 10.52 -1.74
N ASP B 118 7.22 9.71 -1.77
CA ASP B 118 8.58 10.25 -1.88
C ASP B 118 8.79 10.99 -3.21
N PHE B 119 7.97 10.70 -4.22
CA PHE B 119 8.08 11.34 -5.54
C PHE B 119 7.67 12.81 -5.46
N VAL B 120 6.81 13.14 -4.49
CA VAL B 120 6.10 14.41 -4.51
C VAL B 120 6.87 15.51 -3.74
N ARG B 121 7.38 16.48 -4.48
CA ARG B 121 8.09 17.63 -3.90
C ARG B 121 7.10 18.68 -3.36
N GLY B 122 5.88 18.66 -3.90
CA GLY B 122 4.86 19.64 -3.54
C GLY B 122 3.70 19.45 -4.50
N LEU B 123 2.51 19.89 -4.07
CA LEU B 123 1.31 19.72 -4.90
C LEU B 123 0.54 21.05 -4.96
N ALA B 124 0.45 21.65 -6.14
CA ALA B 124 -0.35 22.85 -6.36
C ALA B 124 -1.57 22.42 -7.18
N PHE B 125 -2.76 22.78 -6.72
CA PHE B 125 -3.95 22.22 -7.31
C PHE B 125 -5.14 23.15 -7.25
N MET B 126 -6.17 22.82 -8.04
CA MET B 126 -7.35 23.65 -8.10
C MET B 126 -8.45 22.83 -8.75
N GLU B 127 -9.69 23.12 -8.37
CA GLU B 127 -10.86 22.58 -9.03
C GLU B 127 -10.70 21.07 -9.20
N PHE B 128 -10.46 20.44 -8.06
CA PHE B 128 -10.07 19.04 -7.97
C PHE B 128 -11.24 18.07 -7.83
N ILE B 129 -10.95 16.79 -8.10
CA ILE B 129 -11.89 15.68 -8.00
C ILE B 129 -11.78 15.03 -6.63
N ARG B 130 -12.93 14.81 -6.00
CA ARG B 130 -13.00 14.05 -4.76
C ARG B 130 -14.19 13.07 -4.82
N PRO B 131 -14.17 12.02 -3.98
CA PRO B 131 -15.36 11.17 -3.98
C PRO B 131 -16.58 11.98 -3.56
N MET B 132 -17.69 11.77 -4.25
CA MET B 132 -18.90 12.57 -4.03
C MET B 132 -20.03 11.62 -3.63
N PRO B 133 -20.33 11.54 -2.32
CA PRO B 133 -21.28 10.51 -1.87
C PRO B 133 -22.68 10.67 -2.48
N THR B 134 -23.08 11.93 -2.71
CA THR B 134 -24.37 12.23 -3.32
C THR B 134 -24.16 13.19 -4.49
N TRP B 135 -25.17 13.30 -5.34
CA TRP B 135 -25.10 14.29 -6.40
C TRP B 135 -24.97 15.74 -5.88
N GLN B 136 -25.44 16.01 -4.66
CA GLN B 136 -25.30 17.37 -4.11
C GLN B 136 -23.85 17.68 -3.72
N ASP B 137 -23.02 16.65 -3.75
CA ASP B 137 -21.58 16.84 -3.55
C ASP B 137 -20.87 17.17 -4.86
N PHE B 138 -21.57 17.00 -5.98
CA PHE B 138 -21.05 17.50 -7.25
C PHE B 138 -21.45 18.97 -7.36
N HIS B 139 -20.46 19.85 -7.56
CA HIS B 139 -20.70 21.32 -7.54
C HIS B 139 -21.38 21.68 -6.22
N HIS B 140 -20.74 21.28 -5.11
CA HIS B 140 -21.28 21.51 -3.79
C HIS B 140 -21.27 22.99 -3.46
N THR B 141 -22.41 23.52 -3.02
CA THR B 141 -22.47 24.89 -2.54
C THR B 141 -23.74 25.11 -1.75
N GLU B 142 -23.66 25.93 -0.70
CA GLU B 142 -24.84 26.25 0.11
C GLU B 142 -25.30 27.68 -0.13
N VAL B 143 -24.66 28.35 -1.10
CA VAL B 143 -24.94 29.76 -1.38
C VAL B 143 -26.21 29.82 -2.22
N ALA B 144 -27.21 30.57 -1.73
CA ALA B 144 -28.53 30.62 -2.38
C ALA B 144 -28.48 30.99 -3.85
N GLU B 145 -27.70 32.02 -4.18
CA GLU B 145 -27.64 32.54 -5.54
C GLU B 145 -26.93 31.59 -6.50
N GLU B 146 -26.24 30.58 -5.95
CA GLU B 146 -25.54 29.58 -6.78
C GLU B 146 -26.35 28.33 -7.04
N GLN B 147 -27.51 28.20 -6.43
CA GLN B 147 -28.26 26.96 -6.48
C GLN B 147 -28.72 26.56 -7.87
N ASP B 148 -29.25 27.52 -8.65
CA ASP B 148 -29.65 27.20 -10.03
C ASP B 148 -28.49 26.70 -10.89
N HIS B 149 -27.32 27.34 -10.72
CA HIS B 149 -26.11 26.94 -11.44
C HIS B 149 -25.69 25.52 -11.08
N ALA B 150 -25.71 25.23 -9.78
CA ALA B 150 -25.33 23.92 -9.28
C ALA B 150 -26.27 22.85 -9.80
N GLU B 151 -27.58 23.12 -9.75
CA GLU B 151 -28.55 22.17 -10.30
C GLU B 151 -28.33 21.91 -11.79
N ALA B 152 -28.02 22.97 -12.54
CA ALA B 152 -27.84 22.83 -13.98
C ALA B 152 -26.62 21.97 -14.28
N ALA B 153 -25.56 22.17 -13.47
CA ALA B 153 -24.33 21.37 -13.59
C ALA B 153 -24.63 19.90 -13.36
N ARG B 154 -25.32 19.60 -12.25
CA ARG B 154 -25.72 18.26 -11.93
C ARG B 154 -26.57 17.64 -13.05
N ALA B 155 -27.51 18.42 -13.59
CA ALA B 155 -28.38 17.89 -14.65
C ALA B 155 -27.60 17.48 -15.91
N VAL B 156 -26.66 18.32 -16.34
CA VAL B 156 -25.91 17.99 -17.55
C VAL B 156 -24.96 16.80 -17.32
N PHE B 157 -24.30 16.76 -16.17
CA PHE B 157 -23.42 15.63 -15.90
C PHE B 157 -24.17 14.31 -15.69
N ARG B 158 -25.38 14.38 -15.13
CA ARG B 158 -26.23 13.19 -15.08
C ARG B 158 -26.53 12.69 -16.50
N LYS B 159 -26.79 13.62 -17.42
CA LYS B 159 -27.02 13.25 -18.82
C LYS B 159 -25.77 12.65 -19.46
N PHE B 160 -24.60 13.24 -19.22
CA PHE B 160 -23.37 12.69 -19.77
C PHE B 160 -23.18 11.23 -19.31
N ARG B 161 -23.63 10.94 -18.08
CA ARG B 161 -23.44 9.58 -17.55
C ARG B 161 -24.57 8.60 -17.95
N THR B 162 -25.55 9.10 -18.71
CA THR B 162 -26.70 8.30 -19.13
C THR B 162 -26.37 7.65 -20.47
N PRO B 163 -26.58 6.33 -20.60
CA PRO B 163 -26.39 5.68 -21.90
C PRO B 163 -27.22 6.33 -23.00
N GLY B 164 -26.62 6.50 -24.17
CA GLY B 164 -27.30 7.15 -25.29
C GLY B 164 -27.20 8.65 -25.26
N GLU B 165 -27.66 9.28 -24.17
CA GLU B 165 -27.65 10.73 -24.05
C GLU B 165 -26.22 11.27 -24.06
N GLY B 166 -25.33 10.63 -23.30
CA GLY B 166 -23.95 11.08 -23.25
C GLY B 166 -23.28 11.07 -24.62
N GLU B 167 -23.51 10.01 -25.36
CA GLU B 167 -22.99 9.86 -26.72
C GLU B 167 -23.50 10.98 -27.61
N ALA B 168 -24.82 11.25 -27.56
CA ALA B 168 -25.37 12.28 -28.44
C ALA B 168 -24.74 13.64 -28.10
N MET B 169 -24.59 13.92 -26.81
CA MET B 169 -24.13 15.22 -26.38
C MET B 169 -22.62 15.40 -26.65
N ILE B 170 -21.83 14.41 -26.24
CA ILE B 170 -20.38 14.56 -26.24
C ILE B 170 -19.75 14.07 -27.54
N LEU B 171 -20.20 12.92 -28.05
CA LEU B 171 -19.61 12.40 -29.30
C LEU B 171 -20.17 13.06 -30.54
N GLU B 172 -21.49 13.21 -30.59
CA GLU B 172 -22.12 13.80 -31.80
C GLU B 172 -22.02 15.32 -31.81
N ALA B 173 -22.48 15.97 -30.73
CA ALA B 173 -22.53 17.42 -30.70
C ALA B 173 -21.26 18.08 -30.22
N ASN B 174 -20.32 17.27 -29.73
CA ASN B 174 -19.06 17.78 -29.15
C ASN B 174 -19.28 18.82 -28.03
N ALA B 175 -20.26 18.55 -27.17
CA ALA B 175 -20.71 19.55 -26.19
C ALA B 175 -19.66 19.83 -25.11
N PHE B 176 -18.79 18.87 -24.81
CA PHE B 176 -17.80 19.13 -23.74
C PHE B 176 -16.80 20.20 -24.19
N VAL B 177 -16.34 20.11 -25.42
CA VAL B 177 -15.41 21.07 -26.01
C VAL B 177 -16.10 22.41 -26.34
N GLU B 178 -17.28 22.34 -26.96
CA GLU B 178 -17.91 23.55 -27.49
C GLU B 178 -18.72 24.33 -26.47
N ARG B 179 -19.16 23.67 -25.41
CA ARG B 179 -20.06 24.30 -24.45
C ARG B 179 -19.52 24.28 -23.01
N VAL B 180 -19.15 23.09 -22.53
CA VAL B 180 -18.70 22.95 -21.13
C VAL B 180 -17.39 23.73 -20.88
N LEU B 181 -16.45 23.62 -21.81
CA LEU B 181 -15.16 24.30 -21.69
C LEU B 181 -15.30 25.86 -21.63
N PRO B 182 -15.92 26.47 -22.66
CA PRO B 182 -16.16 27.93 -22.59
C PRO B 182 -17.07 28.30 -21.42
N GLY B 183 -17.96 27.39 -21.03
CA GLY B 183 -18.84 27.59 -19.87
C GLY B 183 -18.11 27.67 -18.54
N GLY B 184 -16.85 27.26 -18.52
CA GLY B 184 -16.01 27.27 -17.32
C GLY B 184 -14.89 28.30 -17.40
N ILE B 185 -15.03 29.25 -18.33
CA ILE B 185 -14.07 30.35 -18.50
C ILE B 185 -14.87 31.65 -18.47
N VAL B 186 -14.42 32.59 -17.66
CA VAL B 186 -15.15 33.85 -17.45
C VAL B 186 -15.01 34.72 -18.69
N ARG B 187 -13.77 34.90 -19.13
CA ARG B 187 -13.54 35.67 -20.35
C ARG B 187 -13.90 34.84 -21.57
N LYS B 188 -13.98 35.47 -22.75
CA LYS B 188 -14.19 34.76 -24.00
C LYS B 188 -12.84 34.56 -24.68
N LEU B 189 -12.46 33.30 -24.91
CA LEU B 189 -11.19 33.02 -25.56
C LEU B 189 -11.17 33.57 -26.98
N GLY B 190 -10.00 34.05 -27.39
CA GLY B 190 -9.79 34.41 -28.79
C GLY B 190 -9.90 33.17 -29.66
N ASP B 191 -10.27 33.35 -30.93
CA ASP B 191 -10.42 32.21 -31.83
C ASP B 191 -9.14 31.37 -31.93
N GLU B 192 -7.99 32.04 -31.94
CA GLU B 192 -6.71 31.36 -32.03
C GLU B 192 -6.36 30.64 -30.71
N GLU B 193 -6.94 31.10 -29.60
CA GLU B 193 -6.79 30.42 -28.31
C GLU B 193 -7.69 29.21 -28.23
N MET B 194 -8.87 29.31 -28.83
CA MET B 194 -9.84 28.21 -28.82
C MET B 194 -9.48 27.08 -29.80
N ALA B 195 -8.89 27.41 -30.96
CA ALA B 195 -8.66 26.41 -31.99
C ALA B 195 -7.91 25.15 -31.53
N PRO B 196 -6.84 25.29 -30.73
CA PRO B 196 -6.11 24.07 -30.34
C PRO B 196 -6.87 23.19 -29.37
N TYR B 197 -7.93 23.71 -28.76
CA TYR B 197 -8.81 22.85 -27.98
C TYR B 197 -9.72 22.00 -28.84
N ARG B 198 -9.98 22.46 -30.06
CA ARG B 198 -10.89 21.80 -30.99
C ARG B 198 -10.18 20.77 -31.85
N THR B 199 -8.93 21.05 -32.21
CA THR B 199 -8.24 20.23 -33.23
C THR B 199 -8.03 18.75 -32.86
N PRO B 200 -7.93 18.42 -31.54
CA PRO B 200 -7.76 17.01 -31.19
C PRO B 200 -9.02 16.17 -31.44
N PHE B 201 -10.16 16.84 -31.66
CA PHE B 201 -11.48 16.19 -31.59
C PHE B 201 -12.38 16.42 -32.82
N PRO B 202 -11.90 16.01 -34.00
CA PRO B 202 -12.67 16.30 -35.22
C PRO B 202 -13.87 15.35 -35.46
N THR B 203 -13.87 14.21 -34.78
CA THR B 203 -14.87 13.15 -35.04
C THR B 203 -15.45 12.56 -33.76
N PRO B 204 -16.66 11.97 -33.86
CA PRO B 204 -17.23 11.22 -32.74
C PRO B 204 -16.24 10.19 -32.19
N GLU B 205 -15.53 9.48 -33.07
CA GLU B 205 -14.57 8.48 -32.61
C GLU B 205 -13.50 9.14 -31.76
N SER B 206 -13.00 10.28 -32.23
CA SER B 206 -11.89 10.96 -31.56
C SER B 206 -12.31 11.47 -30.18
N ARG B 207 -13.61 11.64 -30.00
CA ARG B 207 -14.14 12.17 -28.74
C ARG B 207 -14.37 11.14 -27.64
N ARG B 208 -14.04 9.87 -27.89
CA ARG B 208 -14.22 8.80 -26.91
C ARG B 208 -13.65 9.12 -25.51
N PRO B 209 -12.39 9.64 -25.43
CA PRO B 209 -11.84 9.90 -24.09
C PRO B 209 -12.60 11.00 -23.34
N VAL B 210 -13.24 11.88 -24.10
CA VAL B 210 -13.96 13.01 -23.51
C VAL B 210 -15.25 12.54 -22.87
N LEU B 211 -15.89 11.56 -23.51
CA LEU B 211 -17.09 10.93 -22.93
C LEU B 211 -16.70 10.01 -21.76
N ALA B 212 -15.56 9.34 -21.87
CA ALA B 212 -15.13 8.42 -20.81
C ALA B 212 -15.00 9.10 -19.46
N PHE B 213 -14.43 10.30 -19.46
CA PHE B 213 -14.10 10.99 -18.19
C PHE B 213 -15.29 11.24 -17.25
N PRO B 214 -16.41 11.86 -17.74
CA PRO B 214 -17.52 12.09 -16.79
C PRO B 214 -18.12 10.81 -16.27
N ARG B 215 -18.03 9.73 -17.06
CA ARG B 215 -18.46 8.41 -16.61
C ARG B 215 -17.54 7.76 -15.58
N GLU B 216 -16.33 8.34 -15.40
CA GLU B 216 -15.38 7.90 -14.36
C GLU B 216 -15.53 8.69 -13.08
N LEU B 217 -16.33 9.78 -13.11
CA LEU B 217 -16.43 10.65 -11.92
C LEU B 217 -16.97 9.82 -10.75
N PRO B 218 -16.34 9.93 -9.57
CA PRO B 218 -16.73 9.07 -8.46
C PRO B 218 -17.94 9.66 -7.73
N ILE B 219 -19.13 9.25 -8.16
CA ILE B 219 -20.37 9.80 -7.61
C ILE B 219 -21.28 8.68 -7.09
N ALA B 220 -21.69 8.79 -5.82
CA ALA B 220 -22.57 7.80 -5.19
C ALA B 220 -22.03 6.36 -5.33
N GLY B 221 -20.71 6.22 -5.12
CA GLY B 221 -20.06 4.93 -5.08
C GLY B 221 -19.65 4.33 -6.41
N GLU B 222 -19.96 5.03 -7.52
CA GLU B 222 -19.75 4.46 -8.85
C GLU B 222 -19.03 5.42 -9.80
N PRO B 223 -18.10 4.90 -10.61
CA PRO B 223 -17.63 3.51 -10.62
C PRO B 223 -16.84 3.18 -9.35
N ALA B 224 -17.07 1.99 -8.80
CA ALA B 224 -16.58 1.65 -7.45
C ALA B 224 -15.07 1.70 -7.38
N ASP B 225 -14.40 1.25 -8.44
CA ASP B 225 -12.94 1.25 -8.42
C ASP B 225 -12.33 2.65 -8.33
N VAL B 226 -12.85 3.60 -9.12
CA VAL B 226 -12.42 4.99 -9.03
C VAL B 226 -12.80 5.59 -7.68
N TYR B 227 -14.01 5.29 -7.23
CA TYR B 227 -14.52 5.87 -6.00
C TYR B 227 -13.59 5.46 -4.86
N GLU B 228 -13.28 4.17 -4.75
CA GLU B 228 -12.42 3.69 -3.67
C GLU B 228 -10.99 4.18 -3.80
N ALA B 229 -10.47 4.23 -5.02
CA ALA B 229 -9.11 4.73 -5.22
C ALA B 229 -9.02 6.19 -4.79
N LEU B 230 -10.04 6.98 -5.10
CA LEU B 230 -10.01 8.39 -4.75
C LEU B 230 -10.27 8.62 -3.26
N GLN B 231 -11.07 7.74 -2.65
CA GLN B 231 -11.17 7.78 -1.18
C GLN B 231 -9.79 7.55 -0.55
N SER B 232 -9.11 6.51 -1.03
CA SER B 232 -7.79 6.18 -0.48
C SER B 232 -6.79 7.33 -0.73
N ALA B 233 -6.85 7.92 -1.93
CA ALA B 233 -5.94 9.01 -2.27
C ALA B 233 -6.23 10.24 -1.43
N HIS B 234 -7.51 10.50 -1.14
CA HIS B 234 -7.84 11.65 -0.32
C HIS B 234 -7.42 11.45 1.14
N ALA B 235 -7.48 10.21 1.60
CA ALA B 235 -7.00 9.92 2.95
C ALA B 235 -5.50 10.15 3.02
N ALA B 236 -4.79 9.73 1.98
CA ALA B 236 -3.33 9.95 1.91
C ALA B 236 -3.01 11.44 1.86
N LEU B 237 -3.77 12.20 1.06
CA LEU B 237 -3.60 13.63 0.96
C LEU B 237 -3.81 14.28 2.33
N ALA B 238 -4.83 13.84 3.04
CA ALA B 238 -5.18 14.41 4.34
C ALA B 238 -4.05 14.18 5.34
N ALA B 239 -3.37 13.05 5.23
CA ALA B 239 -2.27 12.72 6.18
C ALA B 239 -0.90 13.24 5.73
N SER B 240 -0.81 13.74 4.50
CA SER B 240 0.47 14.10 3.88
C SER B 240 1.07 15.35 4.53
N SER B 241 2.39 15.45 4.47
CA SER B 241 3.06 16.62 5.05
C SER B 241 3.87 17.45 4.04
N TYR B 242 3.84 17.06 2.77
CA TYR B 242 4.54 17.81 1.71
C TYR B 242 3.83 19.14 1.42
N PRO B 243 4.55 20.14 0.89
CA PRO B 243 3.91 21.43 0.67
C PRO B 243 2.74 21.39 -0.33
N LYS B 244 1.67 22.10 -0.01
CA LYS B 244 0.46 22.10 -0.83
C LYS B 244 -0.03 23.52 -1.04
N LEU B 245 -0.54 23.79 -2.24
CA LEU B 245 -1.03 25.10 -2.59
C LEU B 245 -2.37 24.91 -3.30
N LEU B 246 -3.46 25.32 -2.66
CA LEU B 246 -4.78 25.27 -3.29
C LEU B 246 -5.23 26.64 -3.80
N PHE B 247 -5.59 26.73 -5.07
CA PHE B 247 -6.17 27.94 -5.66
C PHE B 247 -7.70 27.85 -5.60
N THR B 248 -8.36 28.98 -5.38
CA THR B 248 -9.82 29.04 -5.30
C THR B 248 -10.33 30.19 -6.15
N GLY B 249 -11.34 29.94 -6.99
CA GLY B 249 -12.03 31.05 -7.68
C GLY B 249 -13.37 31.36 -7.05
N GLU B 250 -13.98 32.46 -7.49
CA GLU B 250 -15.29 32.87 -6.99
C GLU B 250 -16.24 32.89 -8.19
N PRO B 251 -17.26 32.00 -8.22
CA PRO B 251 -17.64 30.99 -7.24
C PRO B 251 -16.93 29.66 -7.42
N GLY B 252 -16.10 29.56 -8.43
CA GLY B 252 -15.51 28.27 -8.80
C GLY B 252 -16.63 27.36 -9.32
N ALA B 253 -16.41 26.05 -9.26
CA ALA B 253 -17.39 25.08 -9.76
C ALA B 253 -17.41 23.81 -8.94
N LEU B 254 -16.37 22.98 -9.09
CA LEU B 254 -16.26 21.78 -8.24
C LEU B 254 -15.81 22.09 -6.82
N VAL B 255 -15.25 23.27 -6.62
CA VAL B 255 -14.70 23.66 -5.34
C VAL B 255 -15.23 25.06 -5.04
N SER B 256 -16.15 25.14 -4.09
CA SER B 256 -16.69 26.43 -3.65
C SER B 256 -15.68 27.16 -2.79
N PRO B 257 -15.81 28.50 -2.69
CA PRO B 257 -14.95 29.25 -1.79
C PRO B 257 -15.01 28.73 -0.35
N GLU B 258 -16.20 28.41 0.15
CA GLU B 258 -16.37 27.88 1.51
C GLU B 258 -15.63 26.57 1.67
N PHE B 259 -15.83 25.67 0.72
CA PHE B 259 -15.19 24.35 0.76
C PHE B 259 -13.67 24.47 0.68
N ALA B 260 -13.17 25.31 -0.23
CA ALA B 260 -11.70 25.48 -0.37
C ALA B 260 -11.06 25.88 0.96
N GLU B 261 -11.69 26.84 1.63
CA GLU B 261 -11.17 27.33 2.90
C GLU B 261 -11.12 26.22 3.96
N ARG B 262 -12.22 25.48 4.07
CA ARG B 262 -12.34 24.39 5.01
C ARG B 262 -11.38 23.24 4.67
N PHE B 263 -11.30 22.89 3.39
CA PHE B 263 -10.45 21.80 2.92
C PHE B 263 -8.98 22.11 3.18
N ALA B 264 -8.55 23.32 2.82
CA ALA B 264 -7.14 23.75 2.99
C ALA B 264 -6.71 23.76 4.45
N ALA B 265 -7.54 24.37 5.30
CA ALA B 265 -7.27 24.48 6.74
C ALA B 265 -7.18 23.11 7.41
N SER B 266 -7.89 22.14 6.85
CA SER B 266 -7.91 20.76 7.36
C SER B 266 -6.70 19.88 6.98
N LEU B 267 -5.99 20.26 5.92
CA LEU B 267 -4.76 19.60 5.52
C LEU B 267 -3.59 20.17 6.32
N THR B 268 -2.44 19.54 6.17
CA THR B 268 -1.20 19.95 6.82
C THR B 268 -0.31 20.63 5.78
N ARG B 269 0.08 21.87 6.06
CA ARG B 269 0.97 22.63 5.16
C ARG B 269 0.31 22.96 3.80
N CYS B 270 -0.97 23.33 3.83
CA CYS B 270 -1.65 23.74 2.59
C CYS B 270 -2.03 25.20 2.68
N ALA B 271 -1.50 26.01 1.77
CA ALA B 271 -1.87 27.43 1.67
C ALA B 271 -3.04 27.58 0.71
N LEU B 272 -3.87 28.60 0.94
CA LEU B 272 -5.00 28.86 0.04
C LEU B 272 -4.80 30.17 -0.68
N ILE B 273 -4.80 30.15 -2.01
CA ILE B 273 -4.61 31.36 -2.81
C ILE B 273 -5.92 31.75 -3.47
N ARG B 274 -6.31 33.02 -3.31
CA ARG B 274 -7.60 33.49 -3.76
C ARG B 274 -7.46 34.18 -5.12
N LEU B 275 -8.05 33.61 -6.15
CA LEU B 275 -7.90 34.15 -7.50
C LEU B 275 -8.93 35.21 -7.88
N GLY B 276 -10.09 35.20 -7.25
CA GLY B 276 -11.16 36.12 -7.66
C GLY B 276 -12.09 35.46 -8.67
N ALA B 277 -12.78 36.27 -9.48
CA ALA B 277 -13.83 35.76 -10.38
C ALA B 277 -13.31 34.60 -11.22
N GLY B 278 -13.95 33.46 -11.08
CA GLY B 278 -13.48 32.27 -11.78
C GLY B 278 -14.45 31.12 -11.69
N LEU B 279 -14.33 30.20 -12.64
CA LEU B 279 -15.20 29.04 -12.73
C LEU B 279 -14.32 27.79 -12.72
N HIS B 280 -14.57 26.82 -13.58
CA HIS B 280 -13.82 25.55 -13.48
C HIS B 280 -12.40 25.63 -14.05
N TYR B 281 -12.26 26.31 -15.20
CA TYR B 281 -10.99 26.35 -15.95
C TYR B 281 -10.19 27.58 -15.56
N LEU B 282 -9.80 27.63 -14.29
CA LEU B 282 -9.19 28.81 -13.70
C LEU B 282 -7.92 29.26 -14.41
N GLN B 283 -7.21 28.33 -15.02
CA GLN B 283 -5.97 28.66 -15.74
C GLN B 283 -6.20 29.73 -16.82
N GLU B 284 -7.34 29.68 -17.51
CA GLU B 284 -7.58 30.60 -18.62
C GLU B 284 -7.91 32.02 -18.15
N ASP B 285 -8.42 32.16 -16.93
CA ASP B 285 -8.73 33.49 -16.39
C ASP B 285 -7.62 34.06 -15.51
N HIS B 286 -6.73 33.17 -15.04
CA HIS B 286 -5.77 33.56 -14.00
C HIS B 286 -4.37 33.03 -14.26
N ALA B 287 -3.99 32.94 -15.52
CA ALA B 287 -2.69 32.37 -15.89
C ALA B 287 -1.54 33.09 -15.18
N ASP B 288 -1.54 34.41 -15.24
CA ASP B 288 -0.47 35.16 -14.62
C ASP B 288 -0.40 34.91 -13.13
N ALA B 289 -1.55 34.95 -12.46
CA ALA B 289 -1.59 34.83 -11.00
C ALA B 289 -1.13 33.43 -10.56
N ILE B 290 -1.58 32.41 -11.29
CA ILE B 290 -1.23 31.02 -11.01
C ILE B 290 0.27 30.82 -11.24
N GLY B 291 0.76 31.27 -12.39
CA GLY B 291 2.19 31.16 -12.72
C GLY B 291 3.12 31.80 -11.70
N ARG B 292 2.85 33.05 -11.35
CA ARG B 292 3.65 33.77 -10.36
C ARG B 292 3.56 33.16 -8.96
N SER B 293 2.37 32.70 -8.59
CA SER B 293 2.18 32.02 -7.30
C SER B 293 3.03 30.76 -7.22
N VAL B 294 2.95 29.94 -8.27
CA VAL B 294 3.69 28.68 -8.29
C VAL B 294 5.21 28.96 -8.30
N ALA B 295 5.65 29.91 -9.10
CA ALA B 295 7.09 30.24 -9.17
C ALA B 295 7.64 30.73 -7.83
N GLY B 296 6.92 31.63 -7.17
CA GLY B 296 7.31 32.11 -5.82
C GLY B 296 7.38 30.97 -4.82
N TRP B 297 6.37 30.11 -4.84
CA TRP B 297 6.24 28.99 -3.91
C TRP B 297 7.42 28.01 -4.05
N ILE B 298 7.75 27.69 -5.29
CA ILE B 298 8.89 26.79 -5.56
C ILE B 298 10.18 27.46 -5.09
N ALA B 299 10.34 28.75 -5.39
CA ALA B 299 11.52 29.50 -4.94
C ALA B 299 11.66 29.45 -3.41
N GLY B 300 10.56 29.68 -2.69
CA GLY B 300 10.52 29.58 -1.23
C GLY B 300 10.88 28.21 -0.65
N ILE B 301 10.23 27.17 -1.18
CA ILE B 301 10.52 25.81 -0.73
C ILE B 301 11.98 25.45 -0.97
N GLU B 302 12.46 25.73 -2.18
CA GLU B 302 13.83 25.39 -2.57
C GLU B 302 14.90 26.17 -1.80
N ALA B 303 14.55 27.38 -1.36
CA ALA B 303 15.47 28.17 -0.54
C ALA B 303 15.77 27.46 0.77
N VAL B 304 14.73 26.90 1.40
CA VAL B 304 14.83 26.33 2.75
C VAL B 304 15.07 24.81 2.74
N ARG B 305 14.53 24.15 1.72
CA ARG B 305 14.58 22.70 1.57
C ARG B 305 14.95 22.33 0.11
N PRO B 306 16.19 22.64 -0.33
CA PRO B 306 16.58 22.45 -1.76
C PRO B 306 16.50 20.99 -2.26
N HIS B 314 30.12 21.84 -12.43
CA HIS B 314 30.66 21.59 -13.77
C HIS B 314 32.12 22.04 -13.82
N HIS B 315 33.04 21.08 -13.88
CA HIS B 315 34.49 21.38 -13.97
C HIS B 315 35.24 20.13 -14.41
N HIS B 316 36.47 20.32 -14.88
CA HIS B 316 37.39 19.22 -15.15
C HIS B 316 37.81 18.50 -13.89
N GLU C 6 -12.29 -34.78 -12.20
CA GLU C 6 -12.15 -33.31 -12.10
C GLU C 6 -13.32 -32.70 -11.32
N ILE C 7 -13.04 -31.64 -10.56
CA ILE C 7 -14.07 -30.89 -9.88
C ILE C 7 -14.50 -29.78 -10.85
N GLU C 8 -15.67 -29.94 -11.45
CA GLU C 8 -16.08 -29.05 -12.55
C GLU C 8 -16.40 -27.63 -12.08
N ILE C 9 -16.07 -26.68 -12.95
CA ILE C 9 -16.17 -25.27 -12.64
C ILE C 9 -17.63 -24.80 -12.42
N ARG C 10 -17.78 -23.79 -11.58
CA ARG C 10 -19.06 -23.14 -11.34
C ARG C 10 -18.81 -21.66 -11.51
N ARG C 11 -19.87 -20.86 -11.57
CA ARG C 11 -19.73 -19.42 -11.73
C ARG C 11 -20.69 -18.65 -10.83
N ALA C 12 -20.19 -17.55 -10.29
CA ALA C 12 -21.02 -16.67 -9.45
C ALA C 12 -21.00 -15.27 -10.02
N PRO C 13 -22.16 -14.59 -10.07
CA PRO C 13 -22.17 -13.18 -10.47
C PRO C 13 -21.56 -12.35 -9.35
N VAL C 14 -20.58 -11.51 -9.69
CA VAL C 14 -19.88 -10.71 -8.69
C VAL C 14 -19.61 -9.32 -9.24
N LEU C 15 -20.21 -8.31 -8.60
CA LEU C 15 -20.00 -6.90 -8.96
C LEU C 15 -20.13 -6.59 -10.46
N GLY C 16 -21.15 -7.16 -11.09
CA GLY C 16 -21.39 -6.91 -12.51
C GLY C 16 -20.54 -7.74 -13.43
N SER C 17 -19.66 -8.56 -12.85
CA SER C 17 -18.86 -9.51 -13.62
C SER C 17 -19.15 -10.90 -13.05
N SER C 18 -18.21 -11.83 -13.24
CA SER C 18 -18.38 -13.18 -12.68
C SER C 18 -17.07 -13.73 -12.17
N MET C 19 -17.16 -14.56 -11.14
CA MET C 19 -16.00 -15.32 -10.73
C MET C 19 -16.29 -16.81 -10.84
N ALA C 20 -15.34 -17.53 -11.41
CA ALA C 20 -15.42 -18.98 -11.48
C ALA C 20 -14.90 -19.56 -10.17
N TYR C 21 -15.36 -20.75 -9.81
CA TYR C 21 -14.88 -21.38 -8.57
C TYR C 21 -15.10 -22.87 -8.65
N ARG C 22 -14.33 -23.60 -7.86
CA ARG C 22 -14.56 -25.03 -7.67
C ARG C 22 -15.10 -25.23 -6.27
N GLU C 23 -15.99 -26.19 -6.11
CA GLU C 23 -16.62 -26.42 -4.83
C GLU C 23 -16.81 -27.92 -4.65
N THR C 24 -16.51 -28.41 -3.46
CA THR C 24 -16.62 -29.84 -3.18
C THR C 24 -16.77 -30.03 -1.66
N GLY C 25 -17.31 -31.17 -1.24
CA GLY C 25 -17.50 -31.43 0.19
C GLY C 25 -18.93 -31.13 0.62
N ALA C 26 -19.28 -31.51 1.85
CA ALA C 26 -20.67 -31.40 2.36
C ALA C 26 -21.13 -29.97 2.64
N GLN C 27 -22.40 -29.67 2.34
CA GLN C 27 -22.90 -28.29 2.47
C GLN C 27 -22.89 -27.76 3.90
N ASP C 28 -22.88 -28.68 4.87
CA ASP C 28 -22.91 -28.28 6.28
C ASP C 28 -21.59 -28.48 7.03
N ALA C 29 -20.55 -28.82 6.28
CA ALA C 29 -19.21 -28.96 6.85
C ALA C 29 -18.56 -27.56 6.93
N PRO C 30 -17.56 -27.36 7.82
CA PRO C 30 -16.94 -26.03 7.87
C PRO C 30 -16.34 -25.62 6.53
N VAL C 31 -16.44 -24.35 6.21
CA VAL C 31 -15.90 -23.86 4.94
C VAL C 31 -14.38 -23.67 4.99
N VAL C 32 -13.73 -24.05 3.89
CA VAL C 32 -12.32 -23.78 3.68
C VAL C 32 -12.22 -23.09 2.34
N LEU C 33 -11.69 -21.86 2.36
CA LEU C 33 -11.46 -21.08 1.14
C LEU C 33 -9.99 -21.22 0.73
N PHE C 34 -9.78 -21.67 -0.50
CA PHE C 34 -8.44 -21.83 -1.07
C PHE C 34 -8.14 -20.65 -1.98
N LEU C 35 -7.04 -19.93 -1.70
CA LEU C 35 -6.78 -18.70 -2.43
C LEU C 35 -5.48 -18.78 -3.18
N HIS C 36 -5.57 -18.76 -4.51
CA HIS C 36 -4.37 -18.79 -5.36
C HIS C 36 -3.77 -17.38 -5.53
N GLY C 37 -2.62 -17.29 -6.20
CA GLY C 37 -2.04 -15.98 -6.57
C GLY C 37 -1.68 -15.92 -8.05
N ASN C 38 -0.57 -15.25 -8.34
CA ASN C 38 -0.11 -15.02 -9.72
C ASN C 38 0.80 -16.16 -10.19
N PRO C 39 0.68 -16.62 -11.47
CA PRO C 39 -0.39 -16.37 -12.44
C PRO C 39 -1.27 -17.62 -12.50
N THR C 40 -1.79 -18.04 -11.35
CA THR C 40 -2.43 -19.34 -11.26
C THR C 40 -3.96 -19.18 -11.22
N SER C 41 -4.66 -20.20 -10.76
CA SER C 41 -6.12 -20.19 -10.58
C SER C 41 -6.45 -21.32 -9.64
N SER C 42 -7.74 -21.59 -9.45
CA SER C 42 -8.16 -22.77 -8.64
C SER C 42 -7.55 -24.08 -9.17
N HIS C 43 -7.10 -24.09 -10.43
CA HIS C 43 -6.40 -25.25 -11.02
C HIS C 43 -5.26 -25.72 -10.13
N ILE C 44 -4.57 -24.79 -9.46
CA ILE C 44 -3.43 -25.17 -8.64
C ILE C 44 -3.82 -26.04 -7.42
N TRP C 45 -5.09 -26.02 -7.03
CA TRP C 45 -5.56 -26.78 -5.87
C TRP C 45 -6.18 -28.12 -6.28
N ARG C 46 -6.13 -28.45 -7.57
CA ARG C 46 -6.93 -29.58 -8.08
C ARG C 46 -6.64 -30.94 -7.39
N ASN C 47 -5.39 -31.16 -6.99
CA ASN C 47 -4.99 -32.41 -6.34
C ASN C 47 -4.98 -32.31 -4.80
N ILE C 48 -5.35 -31.12 -4.30
CA ILE C 48 -5.44 -30.86 -2.87
C ILE C 48 -6.90 -30.92 -2.41
N LEU C 49 -7.82 -30.36 -3.19
CA LEU C 49 -9.24 -30.34 -2.81
C LEU C 49 -9.84 -31.72 -2.44
N PRO C 50 -9.55 -32.77 -3.25
CA PRO C 50 -10.15 -34.07 -2.96
C PRO C 50 -9.68 -34.65 -1.63
N LEU C 51 -8.56 -34.14 -1.13
CA LEU C 51 -7.96 -34.64 0.10
C LEU C 51 -8.57 -33.92 1.31
N VAL C 52 -9.16 -32.75 1.06
CA VAL C 52 -9.72 -31.97 2.16
C VAL C 52 -11.24 -32.07 2.19
N SER C 53 -11.85 -32.39 1.05
CA SER C 53 -13.30 -32.41 0.99
C SER C 53 -13.98 -33.38 1.99
N PRO C 54 -13.27 -34.46 2.40
CA PRO C 54 -13.90 -35.33 3.40
C PRO C 54 -14.16 -34.69 4.77
N VAL C 55 -13.49 -33.58 5.05
CA VAL C 55 -13.65 -32.91 6.35
C VAL C 55 -14.15 -31.48 6.26
N ALA C 56 -14.28 -30.96 5.04
CA ALA C 56 -14.68 -29.56 4.89
C ALA C 56 -15.40 -29.28 3.58
N HIS C 57 -16.21 -28.22 3.58
CA HIS C 57 -16.83 -27.67 2.38
C HIS C 57 -15.77 -26.78 1.73
N CYS C 58 -15.15 -27.28 0.67
CA CYS C 58 -14.04 -26.59 0.02
C CYS C 58 -14.55 -25.68 -1.07
N ILE C 59 -14.07 -24.44 -1.06
CA ILE C 59 -14.45 -23.47 -2.09
C ILE C 59 -13.14 -22.84 -2.60
N ALA C 60 -12.91 -22.93 -3.90
CA ALA C 60 -11.66 -22.42 -4.49
C ALA C 60 -12.00 -21.47 -5.64
N PRO C 61 -12.03 -20.16 -5.37
CA PRO C 61 -12.34 -19.20 -6.43
C PRO C 61 -11.16 -18.87 -7.32
N ASP C 62 -11.47 -18.54 -8.57
CA ASP C 62 -10.49 -17.95 -9.49
C ASP C 62 -10.61 -16.45 -9.28
N LEU C 63 -9.50 -15.80 -8.94
CA LEU C 63 -9.50 -14.34 -8.76
C LEU C 63 -10.00 -13.67 -10.03
N ILE C 64 -10.59 -12.49 -9.88
CA ILE C 64 -11.05 -11.76 -11.08
C ILE C 64 -9.92 -11.59 -12.11
N GLY C 65 -10.21 -11.86 -13.38
CA GLY C 65 -9.19 -11.88 -14.42
C GLY C 65 -8.24 -13.05 -14.49
N PHE C 66 -8.46 -14.06 -13.64
CA PHE C 66 -7.66 -15.29 -13.63
C PHE C 66 -8.56 -16.48 -13.88
N GLY C 67 -7.97 -17.58 -14.33
CA GLY C 67 -8.71 -18.81 -14.54
C GLY C 67 -9.89 -18.61 -15.47
N GLN C 68 -11.07 -19.04 -15.04
CA GLN C 68 -12.29 -18.89 -15.85
C GLN C 68 -13.19 -17.76 -15.39
N SER C 69 -12.67 -16.91 -14.51
CA SER C 69 -13.41 -15.72 -14.08
C SER C 69 -13.51 -14.68 -15.21
N GLY C 70 -14.42 -13.74 -15.01
CA GLY C 70 -14.58 -12.61 -15.95
C GLY C 70 -13.32 -11.78 -16.11
N LYS C 71 -13.31 -10.96 -17.18
CA LYS C 71 -12.15 -10.12 -17.49
C LYS C 71 -12.62 -8.67 -17.67
N PRO C 72 -13.17 -8.08 -16.59
CA PRO C 72 -13.66 -6.70 -16.68
C PRO C 72 -12.50 -5.70 -16.89
N ASP C 73 -12.84 -4.52 -17.40
CA ASP C 73 -11.84 -3.51 -17.62
C ASP C 73 -11.60 -2.76 -16.30
N ILE C 74 -10.65 -3.29 -15.52
CA ILE C 74 -10.24 -2.73 -14.23
C ILE C 74 -8.72 -2.78 -14.14
N ALA C 75 -8.15 -2.18 -13.09
CA ALA C 75 -6.69 -2.09 -13.01
C ALA C 75 -6.06 -3.37 -12.45
N TYR C 76 -6.89 -4.20 -11.81
CA TYR C 76 -6.44 -5.45 -11.19
C TYR C 76 -5.36 -5.19 -10.12
N ARG C 77 -5.54 -4.11 -9.38
CA ARG C 77 -4.65 -3.85 -8.24
C ARG C 77 -5.01 -4.79 -7.09
N PHE C 78 -4.13 -4.87 -6.10
CA PHE C 78 -4.47 -5.61 -4.89
C PHE C 78 -5.86 -5.24 -4.34
N PHE C 79 -6.14 -3.93 -4.24
CA PHE C 79 -7.42 -3.48 -3.70
C PHE C 79 -8.62 -3.91 -4.55
N ASP C 80 -8.42 -4.04 -5.86
CA ASP C 80 -9.49 -4.59 -6.74
C ASP C 80 -9.77 -6.04 -6.38
N HIS C 81 -8.72 -6.83 -6.23
CA HIS C 81 -8.87 -8.21 -5.79
C HIS C 81 -9.53 -8.35 -4.43
N VAL C 82 -9.15 -7.50 -3.47
CA VAL C 82 -9.83 -7.48 -2.19
C VAL C 82 -11.34 -7.30 -2.40
N ARG C 83 -11.71 -6.34 -3.23
CA ARG C 83 -13.12 -6.03 -3.43
C ARG C 83 -13.88 -7.21 -4.05
N TYR C 84 -13.31 -7.80 -5.09
CA TYR C 84 -13.95 -8.93 -5.79
C TYR C 84 -14.03 -10.16 -4.90
N LEU C 85 -12.96 -10.45 -4.16
CA LEU C 85 -12.99 -11.57 -3.21
C LEU C 85 -14.02 -11.40 -2.10
N ASP C 86 -14.11 -10.19 -1.51
CA ASP C 86 -15.14 -9.91 -0.49
C ASP C 86 -16.55 -10.14 -1.07
N ALA C 87 -16.79 -9.59 -2.25
CA ALA C 87 -18.08 -9.75 -2.92
C ALA C 87 -18.41 -11.22 -3.24
N PHE C 88 -17.39 -12.00 -3.59
CA PHE C 88 -17.56 -13.43 -3.82
C PHE C 88 -17.99 -14.14 -2.54
N ILE C 89 -17.28 -13.86 -1.45
CA ILE C 89 -17.59 -14.45 -0.15
C ILE C 89 -19.03 -14.13 0.28
N GLU C 90 -19.44 -12.88 0.09
CA GLU C 90 -20.81 -12.47 0.39
C GLU C 90 -21.83 -13.21 -0.50
N GLN C 91 -21.53 -13.28 -1.80
CA GLN C 91 -22.45 -13.90 -2.76
C GLN C 91 -22.67 -15.38 -2.42
N ARG C 92 -21.59 -16.06 -2.00
CA ARG C 92 -21.61 -17.47 -1.58
C ARG C 92 -22.21 -17.67 -0.19
N GLY C 93 -22.49 -16.57 0.52
CA GLY C 93 -23.08 -16.62 1.85
C GLY C 93 -22.19 -17.25 2.91
N VAL C 94 -20.87 -17.13 2.73
CA VAL C 94 -19.88 -17.70 3.66
C VAL C 94 -19.69 -16.73 4.83
N THR C 95 -19.87 -17.21 6.07
CA THR C 95 -19.80 -16.33 7.25
C THR C 95 -18.57 -16.57 8.14
N SER C 96 -17.91 -17.71 7.93
CA SER C 96 -16.61 -17.98 8.55
C SER C 96 -15.95 -19.07 7.73
N ALA C 97 -14.62 -19.12 7.79
CA ALA C 97 -13.90 -20.09 6.97
C ALA C 97 -12.49 -20.28 7.47
N TYR C 98 -11.96 -21.48 7.23
CA TYR C 98 -10.51 -21.67 7.21
C TYR C 98 -10.02 -21.06 5.91
N LEU C 99 -8.78 -20.59 5.93
CA LEU C 99 -8.16 -20.05 4.72
C LEU C 99 -6.94 -20.88 4.42
N VAL C 100 -6.76 -21.24 3.14
CA VAL C 100 -5.56 -21.92 2.68
C VAL C 100 -5.03 -21.11 1.50
N ALA C 101 -3.77 -20.66 1.59
CA ALA C 101 -3.32 -19.60 0.68
C ALA C 101 -1.84 -19.71 0.29
N GLN C 102 -1.51 -19.17 -0.88
CA GLN C 102 -0.14 -19.15 -1.40
C GLN C 102 0.03 -17.88 -2.26
N ASP C 103 1.24 -17.32 -2.30
CA ASP C 103 1.53 -16.13 -3.15
C ASP C 103 0.59 -14.96 -2.77
N TRP C 104 0.00 -14.30 -3.75
CA TRP C 104 -0.91 -13.18 -3.46
C TRP C 104 -2.17 -13.61 -2.70
N GLY C 105 -2.49 -14.90 -2.77
CA GLY C 105 -3.58 -15.44 -1.94
C GLY C 105 -3.32 -15.19 -0.46
N THR C 106 -2.07 -15.23 -0.04
CA THR C 106 -1.74 -14.97 1.38
C THR C 106 -1.96 -13.51 1.76
N ALA C 107 -1.63 -12.57 0.86
CA ALA C 107 -1.86 -11.17 1.13
C ALA C 107 -3.36 -10.91 1.28
N LEU C 108 -4.16 -11.52 0.40
CA LEU C 108 -5.62 -11.42 0.54
C LEU C 108 -6.09 -12.04 1.84
N ALA C 109 -5.54 -13.21 2.20
CA ALA C 109 -5.90 -13.89 3.44
C ALA C 109 -5.57 -13.05 4.68
N PHE C 110 -4.35 -12.52 4.72
CA PHE C 110 -3.91 -11.72 5.85
C PHE C 110 -4.78 -10.44 5.98
N HIS C 111 -5.10 -9.82 4.85
CA HIS C 111 -5.90 -8.60 4.83
C HIS C 111 -7.33 -8.90 5.26
N LEU C 112 -7.88 -10.02 4.80
CA LEU C 112 -9.20 -10.45 5.24
C LEU C 112 -9.22 -10.69 6.76
N ALA C 113 -8.21 -11.40 7.25
CA ALA C 113 -8.11 -11.73 8.67
C ALA C 113 -7.98 -10.47 9.54
N ALA C 114 -7.24 -9.48 9.02
CA ALA C 114 -7.04 -8.22 9.74
C ALA C 114 -8.35 -7.44 9.90
N ARG C 115 -9.16 -7.45 8.85
CA ARG C 115 -10.40 -6.67 8.83
C ARG C 115 -11.55 -7.42 9.50
N ARG C 116 -11.52 -8.75 9.45
CA ARG C 116 -12.58 -9.61 9.99
C ARG C 116 -12.00 -10.75 10.82
N PRO C 117 -11.43 -10.45 12.01
CA PRO C 117 -10.78 -11.46 12.86
C PRO C 117 -11.68 -12.66 13.19
N ASP C 118 -12.96 -12.39 13.44
CA ASP C 118 -13.92 -13.45 13.80
C ASP C 118 -14.31 -14.38 12.63
N PHE C 119 -14.00 -13.97 11.40
CA PHE C 119 -14.27 -14.80 10.21
C PHE C 119 -13.32 -16.02 10.10
N VAL C 120 -12.11 -15.87 10.63
CA VAL C 120 -11.02 -16.85 10.37
C VAL C 120 -10.99 -18.02 11.36
N ARG C 121 -11.32 -19.21 10.87
CA ARG C 121 -11.29 -20.39 11.72
C ARG C 121 -9.87 -20.90 11.88
N GLY C 122 -9.05 -20.63 10.88
CA GLY C 122 -7.64 -21.02 10.89
C GLY C 122 -7.01 -20.58 9.57
N LEU C 123 -5.69 -20.53 9.54
CA LEU C 123 -5.00 -20.05 8.35
C LEU C 123 -3.84 -20.95 8.02
N ALA C 124 -3.90 -21.65 6.88
CA ALA C 124 -2.78 -22.47 6.42
C ALA C 124 -2.19 -21.75 5.23
N PHE C 125 -0.86 -21.58 5.24
CA PHE C 125 -0.26 -20.70 4.23
C PHE C 125 1.16 -21.08 3.88
N MET C 126 1.66 -20.53 2.78
CA MET C 126 2.99 -20.89 2.34
C MET C 126 3.45 -19.85 1.35
N GLU C 127 4.77 -19.65 1.25
CA GLU C 127 5.34 -18.79 0.20
C GLU C 127 4.55 -17.48 0.11
N PHE C 128 4.49 -16.80 1.26
CA PHE C 128 3.63 -15.66 1.45
C PHE C 128 4.32 -14.33 1.17
N ILE C 129 3.50 -13.30 1.01
CA ILE C 129 3.95 -11.93 0.81
C ILE C 129 3.99 -11.17 2.14
N ARG C 130 5.05 -10.42 2.33
CA ARG C 130 5.18 -9.54 3.49
C ARG C 130 5.84 -8.24 3.03
N PRO C 131 5.66 -7.15 3.82
CA PRO C 131 6.35 -5.90 3.51
C PRO C 131 7.86 -6.14 3.43
N MET C 132 8.48 -5.62 2.37
CA MET C 132 9.91 -5.82 2.12
C MET C 132 10.58 -4.43 2.08
N PRO C 133 11.15 -4.01 3.23
CA PRO C 133 11.70 -2.65 3.37
C PRO C 133 12.77 -2.32 2.34
N THR C 134 13.54 -3.33 1.93
CA THR C 134 14.56 -3.14 0.88
C THR C 134 14.46 -4.23 -0.15
N TRP C 135 15.08 -4.05 -1.32
CA TRP C 135 15.16 -5.12 -2.31
C TRP C 135 15.86 -6.38 -1.77
N GLN C 136 16.73 -6.23 -0.77
CA GLN C 136 17.39 -7.38 -0.12
C GLN C 136 16.42 -8.29 0.60
N ASP C 137 15.23 -7.75 0.87
CA ASP C 137 14.21 -8.51 1.59
C ASP C 137 13.31 -9.27 0.62
N PHE C 138 13.46 -8.99 -0.68
CA PHE C 138 12.84 -9.82 -1.72
C PHE C 138 13.71 -11.04 -1.97
N HIS C 139 13.14 -12.24 -1.81
CA HIS C 139 13.85 -13.50 -1.88
C HIS C 139 14.98 -13.47 -0.86
N HIS C 140 14.67 -13.12 0.39
CA HIS C 140 15.72 -13.07 1.40
C HIS C 140 16.24 -14.46 1.75
N THR C 141 17.57 -14.60 1.75
CA THR C 141 18.19 -15.82 2.24
C THR C 141 19.57 -15.51 2.82
N GLU C 142 19.98 -16.30 3.80
CA GLU C 142 21.28 -16.16 4.46
C GLU C 142 22.25 -17.24 3.99
N VAL C 143 21.80 -18.08 3.06
CA VAL C 143 22.56 -19.25 2.60
C VAL C 143 23.42 -18.88 1.40
N ALA C 144 24.73 -19.05 1.55
CA ALA C 144 25.70 -18.66 0.53
C ALA C 144 25.37 -19.19 -0.87
N GLU C 145 24.97 -20.45 -0.96
CA GLU C 145 24.70 -21.09 -2.25
C GLU C 145 23.44 -20.57 -2.94
N GLU C 146 22.65 -19.77 -2.23
CA GLU C 146 21.38 -19.26 -2.79
C GLU C 146 21.45 -17.80 -3.25
N GLN C 147 22.55 -17.12 -2.93
CA GLN C 147 22.62 -15.68 -3.20
C GLN C 147 22.48 -15.30 -4.68
N ASP C 148 23.07 -16.08 -5.58
CA ASP C 148 22.98 -15.79 -7.02
C ASP C 148 21.54 -16.00 -7.51
N HIS C 149 20.88 -17.04 -6.99
CA HIS C 149 19.48 -17.28 -7.33
C HIS C 149 18.64 -16.09 -6.88
N ALA C 150 18.90 -15.64 -5.65
CA ALA C 150 18.15 -14.53 -5.04
C ALA C 150 18.33 -13.24 -5.83
N GLU C 151 19.58 -12.94 -6.20
CA GLU C 151 19.89 -11.72 -6.98
C GLU C 151 19.25 -11.73 -8.38
N ALA C 152 19.17 -12.91 -8.99
CA ALA C 152 18.53 -13.09 -10.29
C ALA C 152 17.03 -12.82 -10.21
N ALA C 153 16.40 -13.29 -9.14
CA ALA C 153 14.97 -12.99 -8.87
C ALA C 153 14.73 -11.48 -8.72
N ARG C 154 15.56 -10.82 -7.91
CA ARG C 154 15.44 -9.37 -7.75
C ARG C 154 15.56 -8.65 -9.09
N ALA C 155 16.51 -9.09 -9.92
CA ALA C 155 16.77 -8.40 -11.18
C ALA C 155 15.56 -8.50 -12.10
N VAL C 156 14.96 -9.68 -12.22
CA VAL C 156 13.81 -9.83 -13.12
C VAL C 156 12.57 -9.11 -12.57
N PHE C 157 12.37 -9.16 -11.25
CA PHE C 157 11.23 -8.45 -10.71
C PHE C 157 11.35 -6.92 -10.77
N ARG C 158 12.59 -6.42 -10.69
CA ARG C 158 12.82 -4.99 -10.89
C ARG C 158 12.35 -4.61 -12.27
N LYS C 159 12.64 -5.47 -13.25
CA LYS C 159 12.23 -5.22 -14.64
C LYS C 159 10.72 -5.28 -14.84
N PHE C 160 10.07 -6.32 -14.27
CA PHE C 160 8.62 -6.43 -14.32
C PHE C 160 7.98 -5.13 -13.82
N ARG C 161 8.58 -4.54 -12.79
CA ARG C 161 8.02 -3.36 -12.12
C ARG C 161 8.34 -2.03 -12.81
N THR C 162 9.20 -2.08 -13.83
CA THR C 162 9.59 -0.87 -14.55
C THR C 162 8.56 -0.56 -15.63
N PRO C 163 7.92 0.64 -15.55
CA PRO C 163 6.94 1.02 -16.55
C PRO C 163 7.56 0.97 -17.92
N GLY C 164 6.79 0.48 -18.88
CA GLY C 164 7.29 0.37 -20.24
C GLY C 164 8.01 -0.94 -20.51
N GLU C 165 8.72 -1.46 -19.50
CA GLU C 165 9.57 -2.64 -19.69
C GLU C 165 8.90 -3.97 -19.32
N GLY C 166 8.16 -3.97 -18.22
CA GLY C 166 7.47 -5.19 -17.80
C GLY C 166 6.49 -5.68 -18.87
N GLU C 167 5.97 -4.73 -19.65
CA GLU C 167 4.98 -5.02 -20.68
C GLU C 167 5.46 -6.04 -21.71
N ALA C 168 6.64 -5.80 -22.26
CA ALA C 168 7.18 -6.70 -23.28
C ALA C 168 7.39 -8.10 -22.70
N MET C 169 7.81 -8.16 -21.43
CA MET C 169 8.13 -9.45 -20.79
C MET C 169 6.87 -10.22 -20.45
N ILE C 170 5.95 -9.58 -19.75
CA ILE C 170 4.79 -10.27 -19.23
C ILE C 170 3.62 -10.31 -20.22
N LEU C 171 3.35 -9.20 -20.90
CA LEU C 171 2.22 -9.14 -21.83
C LEU C 171 2.56 -9.76 -23.19
N GLU C 172 3.70 -9.39 -23.76
CA GLU C 172 4.04 -9.87 -25.11
C GLU C 172 4.66 -11.26 -25.08
N ALA C 173 5.70 -11.45 -24.28
CA ALA C 173 6.38 -12.75 -24.23
C ALA C 173 5.69 -13.77 -23.31
N ASN C 174 4.72 -13.29 -22.51
CA ASN C 174 4.01 -14.14 -21.54
C ASN C 174 4.96 -14.81 -20.54
N ALA C 175 5.97 -14.07 -20.09
CA ALA C 175 7.06 -14.65 -19.29
C ALA C 175 6.61 -15.16 -17.92
N PHE C 176 5.56 -14.59 -17.35
CA PHE C 176 5.16 -15.03 -16.02
C PHE C 176 4.55 -16.44 -16.07
N VAL C 177 3.80 -16.70 -17.13
CA VAL C 177 3.19 -18.02 -17.35
C VAL C 177 4.20 -19.06 -17.88
N GLU C 178 5.00 -18.65 -18.87
CA GLU C 178 5.88 -19.58 -19.57
C GLU C 178 7.21 -19.82 -18.88
N ARG C 179 7.64 -18.89 -18.03
CA ARG C 179 8.96 -18.99 -17.41
C ARG C 179 8.92 -18.98 -15.89
N VAL C 180 8.31 -17.93 -15.31
CA VAL C 180 8.27 -17.79 -13.85
C VAL C 180 7.55 -18.94 -13.17
N LEU C 181 6.40 -19.31 -13.74
CA LEU C 181 5.59 -20.40 -13.18
C LEU C 181 6.35 -21.75 -13.17
N PRO C 182 6.80 -22.24 -14.35
CA PRO C 182 7.58 -23.50 -14.30
C PRO C 182 8.86 -23.35 -13.51
N GLY C 183 9.42 -22.13 -13.48
CA GLY C 183 10.62 -21.80 -12.70
C GLY C 183 10.44 -21.99 -11.20
N GLY C 184 9.19 -22.11 -10.76
CA GLY C 184 8.85 -22.25 -9.33
C GLY C 184 8.28 -23.62 -9.01
N ILE C 185 8.54 -24.58 -9.91
CA ILE C 185 8.05 -25.95 -9.72
C ILE C 185 9.26 -26.84 -9.96
N VAL C 186 9.52 -27.76 -9.03
CA VAL C 186 10.72 -28.62 -9.10
C VAL C 186 10.56 -29.68 -10.19
N ARG C 187 9.42 -30.37 -10.19
CA ARG C 187 9.09 -31.33 -11.24
C ARG C 187 8.68 -30.61 -12.54
N LYS C 188 8.57 -31.35 -13.64
CA LYS C 188 8.04 -30.80 -14.88
C LYS C 188 6.59 -31.23 -15.03
N LEU C 189 5.70 -30.25 -15.16
CA LEU C 189 4.30 -30.54 -15.35
C LEU C 189 4.10 -31.28 -16.66
N GLY C 190 3.21 -32.27 -16.65
CA GLY C 190 2.76 -32.87 -17.91
C GLY C 190 2.05 -31.82 -18.75
N ASP C 191 1.98 -32.03 -20.07
CA ASP C 191 1.32 -31.07 -20.96
C ASP C 191 -0.11 -30.76 -20.56
N GLU C 192 -0.85 -31.79 -20.15
CA GLU C 192 -2.24 -31.68 -19.73
C GLU C 192 -2.40 -30.92 -18.40
N GLU C 193 -1.33 -30.89 -17.60
CA GLU C 193 -1.33 -30.12 -16.34
C GLU C 193 -1.02 -28.67 -16.60
N MET C 194 -0.19 -28.42 -17.60
CA MET C 194 0.25 -27.07 -17.93
C MET C 194 -0.81 -26.30 -18.73
N ALA C 195 -1.52 -27.00 -19.61
CA ALA C 195 -2.51 -26.32 -20.48
C ALA C 195 -3.52 -25.38 -19.76
N PRO C 196 -4.12 -25.83 -18.63
CA PRO C 196 -5.09 -24.94 -17.99
C PRO C 196 -4.45 -23.70 -17.34
N TYR C 197 -3.12 -23.68 -17.22
CA TYR C 197 -2.42 -22.48 -16.79
C TYR C 197 -2.30 -21.48 -17.95
N ARG C 198 -2.32 -21.99 -19.19
CA ARG C 198 -2.18 -21.11 -20.35
C ARG C 198 -3.48 -20.54 -20.89
N THR C 199 -4.54 -21.34 -20.79
CA THR C 199 -5.81 -21.00 -21.42
C THR C 199 -6.47 -19.69 -20.96
N PRO C 200 -6.26 -19.25 -19.69
CA PRO C 200 -6.81 -17.95 -19.31
C PRO C 200 -6.11 -16.77 -19.99
N PHE C 201 -4.95 -17.01 -20.59
CA PHE C 201 -4.08 -15.91 -21.03
C PHE C 201 -3.66 -16.00 -22.51
N PRO C 202 -4.64 -16.06 -23.43
CA PRO C 202 -4.32 -16.24 -24.87
C PRO C 202 -3.72 -15.00 -25.54
N THR C 203 -3.95 -13.81 -24.98
CA THR C 203 -3.53 -12.55 -25.62
C THR C 203 -2.73 -11.66 -24.68
N PRO C 204 -1.98 -10.69 -25.23
CA PRO C 204 -1.34 -9.67 -24.39
C PRO C 204 -2.35 -8.94 -23.50
N GLU C 205 -3.51 -8.56 -24.06
CA GLU C 205 -4.54 -7.89 -23.28
C GLU C 205 -5.01 -8.71 -22.10
N SER C 206 -5.12 -10.02 -22.30
CA SER C 206 -5.64 -10.91 -21.27
C SER C 206 -4.68 -11.01 -20.09
N ARG C 207 -3.42 -10.64 -20.33
CA ARG C 207 -2.36 -10.78 -19.33
C ARG C 207 -2.22 -9.54 -18.44
N ARG C 208 -3.08 -8.55 -18.62
CA ARG C 208 -3.08 -7.33 -17.78
C ARG C 208 -3.00 -7.63 -16.25
N PRO C 209 -3.81 -8.58 -15.73
CA PRO C 209 -3.73 -8.85 -14.25
C PRO C 209 -2.39 -9.48 -13.83
N VAL C 210 -1.77 -10.23 -14.76
CA VAL C 210 -0.47 -10.89 -14.48
C VAL C 210 0.62 -9.82 -14.33
N LEU C 211 0.54 -8.78 -15.16
CA LEU C 211 1.49 -7.66 -15.09
C LEU C 211 1.19 -6.78 -13.85
N ALA C 212 -0.09 -6.63 -13.52
CA ALA C 212 -0.45 -5.77 -12.39
C ALA C 212 0.15 -6.24 -11.08
N PHE C 213 0.13 -7.55 -10.86
CA PHE C 213 0.51 -8.11 -9.55
C PHE C 213 1.94 -7.77 -9.09
N PRO C 214 2.97 -7.99 -9.94
CA PRO C 214 4.31 -7.69 -9.43
C PRO C 214 4.48 -6.20 -9.11
N ARG C 215 3.73 -5.36 -9.81
CA ARG C 215 3.77 -3.92 -9.57
C ARG C 215 3.04 -3.53 -8.30
N GLU C 216 2.37 -4.50 -7.65
CA GLU C 216 1.74 -4.27 -6.37
C GLU C 216 2.60 -4.72 -5.20
N LEU C 217 3.67 -5.46 -5.48
CA LEU C 217 4.45 -6.05 -4.38
C LEU C 217 4.96 -4.94 -3.46
N PRO C 218 4.87 -5.13 -2.14
CA PRO C 218 5.27 -4.08 -1.20
C PRO C 218 6.78 -4.06 -1.00
N ILE C 219 7.48 -3.35 -1.86
CA ILE C 219 8.95 -3.35 -1.86
C ILE C 219 9.49 -1.93 -1.75
N ALA C 220 10.35 -1.72 -0.77
CA ALA C 220 10.96 -0.40 -0.51
C ALA C 220 9.91 0.73 -0.40
N GLY C 221 8.80 0.43 0.27
CA GLY C 221 7.77 1.42 0.56
C GLY C 221 6.79 1.75 -0.54
N GLU C 222 6.89 1.07 -1.69
CA GLU C 222 6.05 1.41 -2.86
C GLU C 222 5.51 0.14 -3.51
N PRO C 223 4.24 0.18 -3.97
CA PRO C 223 3.30 1.29 -3.79
C PRO C 223 2.91 1.45 -2.32
N ALA C 224 2.89 2.69 -1.82
CA ALA C 224 2.76 2.97 -0.39
C ALA C 224 1.42 2.54 0.19
N ASP C 225 0.39 2.60 -0.64
CA ASP C 225 -0.93 2.24 -0.14
C ASP C 225 -1.02 0.75 0.16
N VAL C 226 -0.52 -0.07 -0.76
CA VAL C 226 -0.42 -1.51 -0.53
C VAL C 226 0.58 -1.83 0.59
N TYR C 227 1.74 -1.16 0.59
CA TYR C 227 2.75 -1.35 1.63
C TYR C 227 2.14 -1.18 3.04
N GLU C 228 1.43 -0.07 3.25
CA GLU C 228 0.79 0.19 4.53
C GLU C 228 -0.29 -0.85 4.90
N ALA C 229 -1.11 -1.21 3.92
CA ALA C 229 -2.14 -2.22 4.13
C ALA C 229 -1.51 -3.55 4.56
N LEU C 230 -0.41 -3.93 3.91
CA LEU C 230 0.19 -5.21 4.26
C LEU C 230 1.01 -5.14 5.56
N GLN C 231 1.53 -3.95 5.87
CA GLN C 231 2.09 -3.73 7.23
C GLN C 231 1.03 -3.96 8.30
N SER C 232 -0.13 -3.35 8.13
CA SER C 232 -1.24 -3.55 9.06
C SER C 232 -1.68 -5.00 9.12
N ALA C 233 -1.74 -5.65 7.96
CA ALA C 233 -2.15 -7.06 7.92
C ALA C 233 -1.14 -7.94 8.66
N HIS C 234 0.14 -7.65 8.49
CA HIS C 234 1.17 -8.42 9.21
C HIS C 234 1.14 -8.23 10.71
N ALA C 235 0.89 -7.00 11.14
CA ALA C 235 0.79 -6.72 12.56
C ALA C 235 -0.40 -7.49 13.16
N ALA C 236 -1.52 -7.52 12.43
CA ALA C 236 -2.68 -8.28 12.90
C ALA C 236 -2.36 -9.78 12.96
N LEU C 237 -1.67 -10.29 11.93
CA LEU C 237 -1.28 -11.72 11.89
C LEU C 237 -0.37 -12.03 13.09
N ALA C 238 0.57 -11.14 13.37
CA ALA C 238 1.47 -11.33 14.51
C ALA C 238 0.74 -11.38 15.85
N ALA C 239 -0.32 -10.59 16.00
CA ALA C 239 -1.09 -10.51 17.24
C ALA C 239 -2.15 -11.61 17.35
N SER C 240 -2.47 -12.27 16.23
CA SER C 240 -3.61 -13.21 16.14
C SER C 240 -3.42 -14.48 16.96
N SER C 241 -4.51 -15.07 17.40
CA SER C 241 -4.44 -16.31 18.16
C SER C 241 -5.13 -17.52 17.50
N TYR C 242 -5.75 -17.34 16.34
CA TYR C 242 -6.35 -18.47 15.62
C TYR C 242 -5.25 -19.43 15.15
N PRO C 243 -5.62 -20.71 14.93
CA PRO C 243 -4.60 -21.70 14.56
C PRO C 243 -4.00 -21.40 13.19
N LYS C 244 -2.71 -21.64 13.07
CA LYS C 244 -1.98 -21.35 11.83
C LYS C 244 -1.07 -22.51 11.47
N LEU C 245 -0.95 -22.73 10.17
CA LEU C 245 -0.11 -23.80 9.66
C LEU C 245 0.74 -23.20 8.56
N LEU C 246 2.07 -23.24 8.72
CA LEU C 246 2.98 -22.74 7.69
C LEU C 246 3.74 -23.91 7.04
N PHE C 247 3.63 -24.03 5.73
CA PHE C 247 4.41 -25.00 4.99
C PHE C 247 5.63 -24.32 4.43
N THR C 248 6.74 -25.06 4.42
CA THR C 248 8.00 -24.55 3.91
C THR C 248 8.62 -25.59 2.95
N GLY C 249 9.22 -25.11 1.85
CA GLY C 249 10.03 -25.96 0.98
C GLY C 249 11.50 -25.58 1.08
N GLU C 250 12.36 -26.42 0.50
CA GLU C 250 13.78 -26.22 0.52
C GLU C 250 14.24 -26.06 -0.94
N PRO C 251 14.74 -24.87 -1.32
CA PRO C 251 14.95 -23.65 -0.52
C PRO C 251 13.74 -22.70 -0.46
N GLY C 252 12.62 -23.06 -1.09
CA GLY C 252 11.51 -22.11 -1.24
C GLY C 252 11.94 -20.96 -2.13
N ALA C 253 11.29 -19.79 -1.99
CA ALA C 253 11.68 -18.64 -2.80
C ALA C 253 11.44 -17.35 -2.03
N LEU C 254 10.19 -17.05 -1.75
CA LEU C 254 9.90 -15.83 -1.00
C LEU C 254 10.13 -16.04 0.49
N VAL C 255 10.15 -17.30 0.90
CA VAL C 255 10.29 -17.68 2.31
C VAL C 255 11.38 -18.74 2.40
N SER C 256 12.50 -18.39 3.02
CA SER C 256 13.58 -19.36 3.20
C SER C 256 13.23 -20.29 4.38
N PRO C 257 13.85 -21.49 4.44
CA PRO C 257 13.56 -22.40 5.56
C PRO C 257 13.89 -21.76 6.91
N GLU C 258 14.99 -21.02 6.97
CA GLU C 258 15.42 -20.34 8.19
C GLU C 258 14.40 -19.29 8.64
N PHE C 259 13.93 -18.49 7.69
CA PHE C 259 12.91 -17.50 8.00
C PHE C 259 11.61 -18.20 8.42
N ALA C 260 11.24 -19.28 7.73
CA ALA C 260 9.97 -19.99 8.05
C ALA C 260 9.93 -20.45 9.49
N GLU C 261 11.06 -21.01 9.94
CA GLU C 261 11.13 -21.56 11.29
C GLU C 261 11.05 -20.46 12.35
N ARG C 262 11.72 -19.34 12.11
CA ARG C 262 11.70 -18.20 13.03
C ARG C 262 10.33 -17.55 13.04
N PHE C 263 9.74 -17.37 11.86
CA PHE C 263 8.42 -16.76 11.74
C PHE C 263 7.36 -17.61 12.45
N ALA C 264 7.31 -18.92 12.19
CA ALA C 264 6.32 -19.80 12.84
C ALA C 264 6.45 -19.80 14.37
N ALA C 265 7.68 -19.78 14.87
CA ALA C 265 7.92 -19.80 16.31
C ALA C 265 7.52 -18.46 16.92
N SER C 266 7.75 -17.38 16.15
CA SER C 266 7.37 -16.01 16.54
C SER C 266 5.87 -15.80 16.68
N LEU C 267 5.10 -16.44 15.81
CA LEU C 267 3.64 -16.31 15.87
C LEU C 267 3.06 -17.09 17.05
N THR C 268 1.81 -16.80 17.38
CA THR C 268 1.06 -17.55 18.38
C THR C 268 0.28 -18.69 17.72
N ARG C 269 0.51 -19.92 18.17
CA ARG C 269 -0.25 -21.09 17.68
C ARG C 269 -0.04 -21.36 16.19
N CYS C 270 1.21 -21.18 15.72
CA CYS C 270 1.57 -21.53 14.33
C CYS C 270 2.49 -22.75 14.28
N ALA C 271 2.03 -23.82 13.63
CA ALA C 271 2.82 -25.02 13.44
C ALA C 271 3.58 -24.90 12.11
N LEU C 272 4.71 -25.60 12.01
CA LEU C 272 5.52 -25.56 10.80
C LEU C 272 5.59 -26.97 10.21
N ILE C 273 5.28 -27.07 8.92
CA ILE C 273 5.40 -28.36 8.22
C ILE C 273 6.44 -28.22 7.13
N ARG C 274 7.54 -28.99 7.25
CA ARG C 274 8.60 -28.96 6.24
C ARG C 274 8.27 -29.95 5.12
N LEU C 275 8.39 -29.51 3.88
CA LEU C 275 7.92 -30.33 2.77
C LEU C 275 9.04 -31.00 1.99
N GLY C 276 10.26 -30.48 2.12
CA GLY C 276 11.39 -30.97 1.33
C GLY C 276 11.61 -30.10 0.09
N ALA C 277 12.25 -30.66 -0.94
CA ALA C 277 12.63 -29.88 -2.13
C ALA C 277 11.42 -29.16 -2.71
N GLY C 278 11.51 -27.84 -2.74
CA GLY C 278 10.42 -27.02 -3.28
C GLY C 278 10.86 -25.59 -3.56
N LEU C 279 10.10 -24.92 -4.39
CA LEU C 279 10.38 -23.55 -4.80
C LEU C 279 9.15 -22.70 -4.49
N HIS C 280 8.69 -21.84 -5.40
CA HIS C 280 7.55 -20.96 -5.04
C HIS C 280 6.18 -21.68 -5.05
N TYR C 281 5.95 -22.52 -6.05
CA TYR C 281 4.63 -23.11 -6.25
C TYR C 281 4.60 -24.48 -5.62
N LEU C 282 4.69 -24.48 -4.27
CA LEU C 282 4.80 -25.72 -3.49
C LEU C 282 3.68 -26.72 -3.74
N GLN C 283 2.48 -26.22 -4.05
CA GLN C 283 1.32 -27.09 -4.28
C GLN C 283 1.61 -28.12 -5.36
N GLU C 284 2.35 -27.74 -6.40
CA GLU C 284 2.54 -28.63 -7.54
C GLU C 284 3.51 -29.78 -7.25
N ASP C 285 4.43 -29.54 -6.31
CA ASP C 285 5.38 -30.57 -5.89
C ASP C 285 4.93 -31.37 -4.65
N HIS C 286 3.95 -30.83 -3.91
CA HIS C 286 3.61 -31.39 -2.59
C HIS C 286 2.11 -31.48 -2.31
N ALA C 287 1.32 -31.72 -3.35
CA ALA C 287 -0.14 -31.66 -3.23
C ALA C 287 -0.63 -32.66 -2.19
N ASP C 288 -0.11 -33.88 -2.23
CA ASP C 288 -0.58 -34.92 -1.32
C ASP C 288 -0.28 -34.53 0.13
N ALA C 289 0.97 -34.13 0.37
CA ALA C 289 1.43 -33.77 1.70
C ALA C 289 0.63 -32.59 2.20
N ILE C 290 0.42 -31.59 1.35
CA ILE C 290 -0.37 -30.43 1.78
C ILE C 290 -1.82 -30.80 2.09
N GLY C 291 -2.49 -31.53 1.19
CA GLY C 291 -3.88 -31.90 1.41
C GLY C 291 -4.07 -32.76 2.66
N ARG C 292 -3.23 -33.78 2.82
CA ARG C 292 -3.36 -34.65 3.99
C ARG C 292 -3.15 -33.85 5.27
N SER C 293 -2.13 -32.98 5.27
CA SER C 293 -1.81 -32.19 6.48
C SER C 293 -2.97 -31.24 6.81
N VAL C 294 -3.46 -30.51 5.82
CA VAL C 294 -4.56 -29.57 6.04
C VAL C 294 -5.81 -30.27 6.53
N ALA C 295 -6.13 -31.42 5.94
CA ALA C 295 -7.33 -32.14 6.33
C ALA C 295 -7.22 -32.63 7.77
N GLY C 296 -6.06 -33.15 8.16
CA GLY C 296 -5.85 -33.60 9.54
C GLY C 296 -5.97 -32.43 10.51
N TRP C 297 -5.41 -31.30 10.11
CA TRP C 297 -5.38 -30.08 10.92
C TRP C 297 -6.80 -29.55 11.16
N ILE C 298 -7.61 -29.47 10.11
CA ILE C 298 -9.00 -29.07 10.29
C ILE C 298 -9.77 -30.02 11.18
N ALA C 299 -9.61 -31.33 10.93
CA ALA C 299 -10.27 -32.35 11.76
C ALA C 299 -9.91 -32.15 13.23
N GLY C 300 -8.64 -31.88 13.50
CA GLY C 300 -8.14 -31.66 14.87
C GLY C 300 -8.78 -30.45 15.52
N ILE C 301 -8.77 -29.33 14.82
CA ILE C 301 -9.38 -28.11 15.33
C ILE C 301 -10.87 -28.32 15.55
N GLU C 302 -11.54 -28.90 14.58
CA GLU C 302 -12.97 -29.12 14.68
C GLU C 302 -13.34 -30.02 15.84
N ALA C 303 -12.43 -30.93 16.20
CA ALA C 303 -12.69 -31.90 17.28
C ALA C 303 -12.69 -31.25 18.65
N VAL C 304 -12.00 -30.12 18.77
CA VAL C 304 -11.88 -29.43 20.06
C VAL C 304 -12.80 -28.21 20.09
N HIS C 314 -32.65 -35.74 15.18
CA HIS C 314 -33.63 -35.91 14.11
C HIS C 314 -35.01 -36.14 14.71
N HIS C 315 -35.95 -35.28 14.34
CA HIS C 315 -37.34 -35.41 14.78
C HIS C 315 -38.23 -34.48 13.95
N HIS C 316 -39.53 -34.75 13.95
CA HIS C 316 -40.52 -33.83 13.39
C HIS C 316 -40.58 -32.52 14.18
N ARG D 10 15.45 -49.58 21.50
CA ARG D 10 15.50 -49.29 22.97
C ARG D 10 14.74 -50.37 23.70
N ARG D 11 15.05 -50.57 24.99
CA ARG D 11 14.44 -51.67 25.74
C ARG D 11 14.07 -51.23 27.14
N ALA D 12 12.80 -51.44 27.51
CA ALA D 12 12.31 -51.10 28.83
C ALA D 12 12.08 -52.38 29.64
N PRO D 13 12.62 -52.44 30.89
CA PRO D 13 12.28 -53.59 31.73
C PRO D 13 10.82 -53.52 32.16
N VAL D 14 10.09 -54.62 31.95
CA VAL D 14 8.65 -54.66 32.21
C VAL D 14 8.30 -56.01 32.84
N LEU D 15 7.78 -55.98 34.07
CA LEU D 15 7.29 -57.20 34.75
C LEU D 15 8.24 -58.41 34.70
N GLY D 16 9.53 -58.15 34.87
CA GLY D 16 10.54 -59.23 34.88
C GLY D 16 11.03 -59.66 33.52
N SER D 17 10.44 -59.08 32.48
CA SER D 17 10.89 -59.28 31.11
C SER D 17 11.22 -57.89 30.54
N SER D 18 11.06 -57.70 29.24
CA SER D 18 11.34 -56.40 28.65
C SER D 18 10.42 -56.14 27.46
N MET D 19 10.20 -54.85 27.19
CA MET D 19 9.54 -54.47 25.94
C MET D 19 10.46 -53.52 25.18
N ALA D 20 10.71 -53.85 23.92
CA ALA D 20 11.49 -53.00 23.05
C ALA D 20 10.61 -51.88 22.54
N TYR D 21 11.22 -50.76 22.17
CA TYR D 21 10.46 -49.64 21.66
C TYR D 21 11.32 -48.74 20.83
N ARG D 22 10.72 -48.04 19.89
CA ARG D 22 11.43 -46.96 19.22
C ARG D 22 10.82 -45.64 19.62
N GLU D 23 11.65 -44.60 19.53
CA GLU D 23 11.33 -43.33 20.11
C GLU D 23 11.96 -42.26 19.25
N THR D 24 11.23 -41.17 19.06
CA THR D 24 11.75 -40.04 18.27
C THR D 24 10.95 -38.79 18.58
N GLY D 25 11.54 -37.61 18.44
CA GLY D 25 10.82 -36.37 18.68
C GLY D 25 11.18 -35.60 19.95
N ALA D 26 10.61 -34.39 20.05
CA ALA D 26 11.07 -33.32 20.97
C ALA D 26 10.94 -33.53 22.49
N GLN D 27 9.72 -33.74 22.98
CA GLN D 27 9.44 -34.00 24.42
C GLN D 27 8.91 -32.79 25.17
N ASP D 28 9.21 -31.58 24.66
CA ASP D 28 8.42 -30.39 25.01
C ASP D 28 7.13 -30.50 24.19
N ALA D 29 6.95 -31.67 23.59
CA ALA D 29 5.83 -31.94 22.71
C ALA D 29 4.97 -33.03 23.35
N PRO D 30 3.67 -33.07 22.98
CA PRO D 30 2.83 -34.17 23.51
C PRO D 30 3.40 -35.54 23.14
N VAL D 31 3.04 -36.55 23.91
CA VAL D 31 3.46 -37.91 23.59
C VAL D 31 2.43 -38.53 22.64
N VAL D 32 2.90 -39.31 21.68
CA VAL D 32 2.02 -40.13 20.84
C VAL D 32 2.51 -41.57 20.95
N LEU D 33 1.61 -42.45 21.37
CA LEU D 33 1.90 -43.87 21.51
C LEU D 33 1.34 -44.62 20.31
N PHE D 34 2.21 -45.31 19.56
CA PHE D 34 1.79 -46.07 18.38
C PHE D 34 1.67 -47.54 18.78
N LEU D 35 0.50 -48.12 18.56
CA LEU D 35 0.26 -49.50 19.04
C LEU D 35 -0.03 -50.44 17.88
N HIS D 36 0.88 -51.37 17.64
CA HIS D 36 0.70 -52.37 16.56
C HIS D 36 -0.16 -53.54 17.06
N GLY D 37 -0.48 -54.48 16.15
CA GLY D 37 -1.15 -55.73 16.54
C GLY D 37 -0.49 -56.96 15.95
N ASN D 38 -1.31 -57.92 15.52
CA ASN D 38 -0.83 -59.21 15.03
C ASN D 38 -0.55 -59.19 13.53
N PRO D 39 0.58 -59.79 13.08
CA PRO D 39 1.76 -60.33 13.78
C PRO D 39 2.92 -59.36 13.59
N THR D 40 2.68 -58.10 13.94
CA THR D 40 3.58 -57.04 13.55
C THR D 40 4.41 -56.57 14.74
N SER D 41 4.98 -55.37 14.65
CA SER D 41 5.77 -54.78 15.74
C SER D 41 5.87 -53.30 15.46
N SER D 42 6.68 -52.57 16.23
CA SER D 42 6.89 -51.14 15.94
C SER D 42 7.47 -50.90 14.53
N HIS D 43 8.06 -51.94 13.94
CA HIS D 43 8.54 -51.91 12.55
C HIS D 43 7.47 -51.38 11.55
N ILE D 44 6.20 -51.68 11.83
CA ILE D 44 5.12 -51.24 10.93
C ILE D 44 4.97 -49.71 10.91
N TRP D 45 5.47 -49.04 11.94
CA TRP D 45 5.36 -47.58 12.02
C TRP D 45 6.60 -46.85 11.50
N ARG D 46 7.58 -47.58 10.96
CA ARG D 46 8.89 -47.00 10.64
C ARG D 46 8.84 -45.80 9.68
N ASN D 47 7.93 -45.82 8.72
CA ASN D 47 7.81 -44.74 7.72
C ASN D 47 6.75 -43.71 8.09
N ILE D 48 6.08 -43.94 9.22
CA ILE D 48 5.10 -43.01 9.76
C ILE D 48 5.72 -42.10 10.83
N LEU D 49 6.50 -42.68 11.74
CA LEU D 49 7.16 -41.90 12.80
C LEU D 49 7.89 -40.61 12.35
N PRO D 50 8.70 -40.67 11.26
CA PRO D 50 9.43 -39.44 10.84
C PRO D 50 8.51 -38.25 10.48
N LEU D 51 7.28 -38.55 10.07
CA LEU D 51 6.32 -37.50 9.71
C LEU D 51 5.61 -36.92 10.91
N VAL D 52 5.63 -37.64 12.02
CA VAL D 52 4.91 -37.18 13.21
C VAL D 52 5.88 -36.56 14.23
N SER D 53 7.12 -37.04 14.22
CA SER D 53 8.16 -36.57 15.15
C SER D 53 8.34 -35.05 15.20
N PRO D 54 8.08 -34.34 14.08
CA PRO D 54 8.20 -32.86 14.18
C PRO D 54 7.23 -32.20 15.16
N VAL D 55 6.08 -32.84 15.43
CA VAL D 55 5.05 -32.24 16.30
C VAL D 55 4.82 -33.02 17.62
N ALA D 56 5.47 -34.16 17.80
CA ALA D 56 5.20 -34.96 18.99
C ALA D 56 6.34 -35.89 19.36
N HIS D 57 6.38 -36.27 20.63
CA HIS D 57 7.35 -37.22 21.13
C HIS D 57 6.74 -38.59 20.84
N CYS D 58 7.24 -39.26 19.80
CA CYS D 58 6.66 -40.55 19.36
C CYS D 58 7.30 -41.71 20.11
N ILE D 59 6.47 -42.62 20.63
CA ILE D 59 6.93 -43.84 21.28
C ILE D 59 6.15 -45.01 20.67
N ALA D 60 6.87 -46.01 20.15
CA ALA D 60 6.24 -47.18 19.52
C ALA D 60 6.79 -48.45 20.14
N PRO D 61 6.05 -49.03 21.11
CA PRO D 61 6.49 -50.26 21.75
C PRO D 61 6.19 -51.50 20.91
N ASP D 62 7.01 -52.53 21.11
CA ASP D 62 6.70 -53.86 20.62
C ASP D 62 5.95 -54.56 21.75
N LEU D 63 4.75 -55.05 21.47
CA LEU D 63 4.00 -55.78 22.49
C LEU D 63 4.82 -56.95 22.99
N ILE D 64 4.58 -57.34 24.25
CA ILE D 64 5.28 -58.50 24.82
C ILE D 64 5.16 -59.72 23.88
N GLY D 65 6.28 -60.39 23.61
CA GLY D 65 6.27 -61.55 22.70
C GLY D 65 6.36 -61.21 21.20
N PHE D 66 6.34 -59.92 20.88
CA PHE D 66 6.44 -59.44 19.49
C PHE D 66 7.72 -58.62 19.27
N GLY D 67 8.12 -58.46 18.01
CA GLY D 67 9.25 -57.62 17.67
C GLY D 67 10.49 -58.04 18.45
N GLN D 68 11.12 -57.06 19.11
CA GLN D 68 12.33 -57.31 19.87
C GLN D 68 12.09 -57.38 21.37
N SER D 69 10.82 -57.48 21.74
CA SER D 69 10.45 -57.66 23.15
C SER D 69 10.82 -59.03 23.68
N GLY D 70 10.80 -59.14 25.01
CA GLY D 70 11.06 -60.41 25.69
C GLY D 70 9.99 -61.42 25.34
N LYS D 71 10.29 -62.69 25.63
CA LYS D 71 9.36 -63.79 25.32
C LYS D 71 9.09 -64.63 26.58
N PRO D 72 8.41 -64.02 27.58
CA PRO D 72 8.14 -64.72 28.83
C PRO D 72 7.14 -65.87 28.64
N ASP D 73 7.13 -66.79 29.59
CA ASP D 73 6.24 -67.94 29.52
C ASP D 73 4.86 -67.56 30.09
N ILE D 74 4.03 -66.96 29.22
CA ILE D 74 2.67 -66.53 29.60
C ILE D 74 1.70 -66.96 28.51
N ALA D 75 0.41 -66.78 28.73
CA ALA D 75 -0.58 -67.28 27.76
C ALA D 75 -0.73 -66.32 26.57
N TYR D 76 -0.27 -65.07 26.74
CA TYR D 76 -0.44 -64.01 25.71
C TYR D 76 -1.92 -63.74 25.33
N ARG D 77 -2.81 -63.81 26.33
CA ARG D 77 -4.19 -63.38 26.14
C ARG D 77 -4.23 -61.86 25.96
N PHE D 78 -5.36 -61.36 25.49
CA PHE D 78 -5.57 -59.92 25.39
C PHE D 78 -5.24 -59.25 26.73
N PHE D 79 -5.71 -59.84 27.83
CA PHE D 79 -5.53 -59.17 29.13
C PHE D 79 -4.10 -59.21 29.63
N ASP D 80 -3.31 -60.17 29.14
CA ASP D 80 -1.86 -60.16 29.38
C ASP D 80 -1.25 -58.94 28.69
N HIS D 81 -1.61 -58.74 27.43
CA HIS D 81 -1.11 -57.56 26.72
C HIS D 81 -1.47 -56.26 27.40
N VAL D 82 -2.69 -56.20 27.97
CA VAL D 82 -3.15 -55.01 28.71
C VAL D 82 -2.20 -54.73 29.88
N ARG D 83 -1.92 -55.77 30.66
CA ARG D 83 -1.03 -55.61 31.81
C ARG D 83 0.38 -55.17 31.44
N TYR D 84 0.94 -55.74 30.38
CA TYR D 84 2.29 -55.41 29.95
C TYR D 84 2.38 -53.99 29.37
N LEU D 85 1.39 -53.61 28.58
CA LEU D 85 1.38 -52.25 28.04
C LEU D 85 1.22 -51.23 29.17
N ASP D 86 0.38 -51.54 30.17
CA ASP D 86 0.24 -50.63 31.32
C ASP D 86 1.58 -50.50 32.06
N ALA D 87 2.28 -51.62 32.21
CA ALA D 87 3.59 -51.59 32.90
C ALA D 87 4.64 -50.83 32.07
N PHE D 88 4.56 -50.94 30.74
CA PHE D 88 5.44 -50.15 29.87
C PHE D 88 5.20 -48.64 30.02
N ILE D 89 3.93 -48.26 30.04
CA ILE D 89 3.54 -46.85 30.18
C ILE D 89 4.08 -46.31 31.50
N GLU D 90 3.92 -47.08 32.58
CA GLU D 90 4.45 -46.69 33.87
C GLU D 90 5.98 -46.58 33.86
N GLN D 91 6.65 -47.59 33.29
CA GLN D 91 8.13 -47.66 33.30
C GLN D 91 8.73 -46.47 32.57
N ARG D 92 8.04 -46.03 31.51
CA ARG D 92 8.53 -44.91 30.69
C ARG D 92 8.04 -43.56 31.17
N GLY D 93 7.19 -43.56 32.19
CA GLY D 93 6.70 -42.31 32.79
C GLY D 93 5.76 -41.51 31.95
N VAL D 94 5.04 -42.17 31.05
CA VAL D 94 4.07 -41.46 30.20
C VAL D 94 2.79 -41.16 31.01
N THR D 95 2.39 -39.89 31.04
CA THR D 95 1.27 -39.45 31.88
C THR D 95 0.00 -39.16 31.06
N SER D 96 0.19 -38.92 29.76
CA SER D 96 -0.93 -38.77 28.82
C SER D 96 -0.36 -38.88 27.42
N ALA D 97 -1.19 -39.24 26.44
CA ALA D 97 -0.71 -39.44 25.08
C ALA D 97 -1.85 -39.47 24.09
N TYR D 98 -1.55 -39.03 22.87
CA TYR D 98 -2.35 -39.43 21.71
C TYR D 98 -2.10 -40.90 21.49
N LEU D 99 -3.10 -41.64 21.00
CA LEU D 99 -2.92 -43.04 20.66
C LEU D 99 -3.11 -43.19 19.15
N VAL D 100 -2.21 -43.90 18.50
CA VAL D 100 -2.38 -44.26 17.07
C VAL D 100 -2.32 -45.77 17.00
N ALA D 101 -3.35 -46.39 16.43
CA ALA D 101 -3.47 -47.84 16.56
C ALA D 101 -4.09 -48.55 15.35
N GLN D 102 -3.74 -49.83 15.21
CA GLN D 102 -4.24 -50.71 14.13
C GLN D 102 -4.42 -52.12 14.67
N ASP D 103 -5.40 -52.89 14.16
CA ASP D 103 -5.52 -54.31 14.58
C ASP D 103 -5.71 -54.39 16.11
N TRP D 104 -5.04 -55.34 16.77
CA TRP D 104 -5.20 -55.48 18.21
C TRP D 104 -4.69 -54.26 18.99
N GLY D 105 -3.84 -53.45 18.37
CA GLY D 105 -3.44 -52.17 18.97
C GLY D 105 -4.66 -51.33 19.29
N THR D 106 -5.69 -51.40 18.41
CA THR D 106 -6.93 -50.64 18.65
C THR D 106 -7.68 -51.15 19.87
N ALA D 107 -7.76 -52.47 20.05
CA ALA D 107 -8.44 -53.05 21.22
C ALA D 107 -7.74 -52.57 22.50
N LEU D 108 -6.41 -52.59 22.48
CA LEU D 108 -5.61 -52.07 23.62
C LEU D 108 -5.90 -50.58 23.86
N ALA D 109 -5.94 -49.80 22.78
CA ALA D 109 -6.27 -48.39 22.90
C ALA D 109 -7.68 -48.14 23.43
N PHE D 110 -8.67 -48.87 22.93
CA PHE D 110 -10.05 -48.70 23.41
C PHE D 110 -10.18 -49.05 24.89
N HIS D 111 -9.51 -50.13 25.28
CA HIS D 111 -9.60 -50.59 26.67
C HIS D 111 -8.89 -49.61 27.61
N LEU D 112 -7.76 -49.04 27.14
CA LEU D 112 -7.02 -48.03 27.90
C LEU D 112 -7.88 -46.79 28.08
N ALA D 113 -8.50 -46.32 26.99
CA ALA D 113 -9.36 -45.15 27.05
C ALA D 113 -10.57 -45.36 27.95
N ALA D 114 -11.11 -46.58 27.96
CA ALA D 114 -12.28 -46.91 28.79
C ALA D 114 -11.95 -46.76 30.26
N ARG D 115 -10.72 -47.10 30.64
CA ARG D 115 -10.31 -47.05 32.04
C ARG D 115 -9.70 -45.70 32.42
N ARG D 116 -9.03 -45.05 31.47
CA ARG D 116 -8.29 -43.81 31.75
C ARG D 116 -8.54 -42.77 30.66
N PRO D 117 -9.78 -42.26 30.59
CA PRO D 117 -10.07 -41.32 29.51
C PRO D 117 -9.24 -40.04 29.62
N ASP D 118 -8.88 -39.64 30.83
CA ASP D 118 -8.03 -38.44 30.98
C ASP D 118 -6.64 -38.60 30.37
N PHE D 119 -6.17 -39.84 30.25
CA PHE D 119 -4.87 -40.14 29.63
C PHE D 119 -4.90 -39.85 28.12
N VAL D 120 -6.08 -39.93 27.51
CA VAL D 120 -6.16 -39.97 26.04
C VAL D 120 -6.32 -38.58 25.45
N ARG D 121 -5.27 -38.12 24.75
CA ARG D 121 -5.30 -36.79 24.12
C ARG D 121 -6.04 -36.82 22.80
N GLY D 122 -6.13 -38.03 22.23
CA GLY D 122 -6.89 -38.24 20.99
C GLY D 122 -6.61 -39.66 20.53
N LEU D 123 -7.43 -40.18 19.64
CA LEU D 123 -7.27 -41.57 19.24
C LEU D 123 -7.41 -41.63 17.73
N ALA D 124 -6.32 -42.00 17.05
CA ALA D 124 -6.33 -42.17 15.60
C ALA D 124 -6.24 -43.67 15.32
N PHE D 125 -7.16 -44.20 14.51
CA PHE D 125 -7.25 -45.65 14.45
C PHE D 125 -7.70 -46.13 13.08
N MET D 126 -7.45 -47.40 12.82
CA MET D 126 -7.81 -48.00 11.53
C MET D 126 -7.92 -49.50 11.70
N GLU D 127 -8.76 -50.12 10.85
CA GLU D 127 -8.81 -51.58 10.78
C GLU D 127 -8.87 -52.19 12.18
N PHE D 128 -9.89 -51.77 12.91
CA PHE D 128 -9.96 -51.99 14.36
C PHE D 128 -10.76 -53.23 14.74
N ILE D 129 -10.63 -53.65 15.99
CA ILE D 129 -11.36 -54.78 16.55
C ILE D 129 -12.61 -54.31 17.26
N ARG D 130 -13.73 -54.98 17.00
CA ARG D 130 -14.99 -54.72 17.71
C ARG D 130 -15.70 -56.07 17.98
N PRO D 131 -16.60 -56.12 18.98
CA PRO D 131 -17.42 -57.31 19.19
C PRO D 131 -18.19 -57.65 17.90
N MET D 132 -18.17 -58.93 17.53
CA MET D 132 -18.74 -59.39 16.27
C MET D 132 -19.78 -60.45 16.61
N PRO D 133 -21.05 -60.05 16.66
CA PRO D 133 -22.13 -60.94 17.12
C PRO D 133 -22.22 -62.24 16.32
N THR D 134 -21.96 -62.15 15.02
CA THR D 134 -21.93 -63.36 14.17
C THR D 134 -20.63 -63.39 13.39
N TRP D 135 -20.35 -64.53 12.77
CA TRP D 135 -19.17 -64.60 11.91
C TRP D 135 -19.27 -63.66 10.70
N GLN D 136 -20.49 -63.27 10.32
CA GLN D 136 -20.65 -62.35 9.19
C GLN D 136 -20.25 -60.92 9.55
N ASP D 137 -20.01 -60.70 10.85
CA ASP D 137 -19.53 -59.39 11.29
C ASP D 137 -18.00 -59.34 11.27
N PHE D 138 -17.37 -60.50 11.05
CA PHE D 138 -15.94 -60.55 10.80
C PHE D 138 -15.77 -60.36 9.30
N HIS D 139 -14.98 -59.36 8.91
CA HIS D 139 -14.87 -58.94 7.49
C HIS D 139 -16.27 -58.64 6.96
N HIS D 140 -17.02 -57.82 7.69
CA HIS D 140 -18.38 -57.46 7.29
C HIS D 140 -18.36 -56.69 5.98
N THR D 141 -19.21 -57.12 5.05
CA THR D 141 -19.39 -56.38 3.79
C THR D 141 -20.65 -56.87 3.10
N GLU D 142 -21.35 -55.95 2.45
CA GLU D 142 -22.57 -56.28 1.72
C GLU D 142 -22.32 -56.17 0.22
N VAL D 143 -21.08 -55.89 -0.16
CA VAL D 143 -20.74 -55.68 -1.56
C VAL D 143 -20.60 -57.04 -2.24
N ALA D 144 -21.40 -57.27 -3.29
CA ALA D 144 -21.44 -58.57 -3.96
C ALA D 144 -20.05 -59.12 -4.33
N GLU D 145 -19.24 -58.27 -4.96
CA GLU D 145 -17.92 -58.66 -5.47
C GLU D 145 -16.91 -59.02 -4.38
N GLU D 146 -17.22 -58.64 -3.13
CA GLU D 146 -16.31 -58.90 -2.02
C GLU D 146 -16.68 -60.15 -1.24
N GLN D 147 -17.79 -60.79 -1.63
CA GLN D 147 -18.32 -61.92 -0.83
C GLN D 147 -17.40 -63.13 -0.76
N ASP D 148 -16.81 -63.51 -1.89
CA ASP D 148 -15.85 -64.64 -1.89
C ASP D 148 -14.67 -64.35 -0.95
N HIS D 149 -14.11 -63.15 -1.07
CA HIS D 149 -13.00 -62.72 -0.19
C HIS D 149 -13.40 -62.77 1.28
N ALA D 150 -14.57 -62.25 1.61
CA ALA D 150 -15.03 -62.27 3.01
C ALA D 150 -15.21 -63.69 3.53
N GLU D 151 -15.80 -64.58 2.71
CA GLU D 151 -15.98 -65.95 3.14
C GLU D 151 -14.65 -66.67 3.37
N ALA D 152 -13.66 -66.40 2.53
CA ALA D 152 -12.35 -67.03 2.59
C ALA D 152 -11.64 -66.55 3.86
N ALA D 153 -11.81 -65.27 4.18
CA ALA D 153 -11.28 -64.71 5.44
C ALA D 153 -11.88 -65.40 6.67
N ARG D 154 -13.21 -65.54 6.69
CA ARG D 154 -13.88 -66.21 7.81
C ARG D 154 -13.43 -67.66 7.89
N ALA D 155 -13.28 -68.32 6.73
CA ALA D 155 -12.86 -69.73 6.70
C ALA D 155 -11.50 -69.95 7.40
N VAL D 156 -10.55 -69.09 7.06
CA VAL D 156 -9.20 -69.26 7.57
C VAL D 156 -9.14 -68.91 9.05
N PHE D 157 -9.87 -67.88 9.47
CA PHE D 157 -9.90 -67.55 10.92
C PHE D 157 -10.65 -68.57 11.77
N ARG D 158 -11.68 -69.20 11.19
CA ARG D 158 -12.31 -70.35 11.83
C ARG D 158 -11.28 -71.46 12.08
N LYS D 159 -10.41 -71.69 11.11
CA LYS D 159 -9.39 -72.74 11.24
C LYS D 159 -8.40 -72.37 12.34
N PHE D 160 -7.97 -71.10 12.37
CA PHE D 160 -7.02 -70.65 13.39
C PHE D 160 -7.60 -70.91 14.81
N ARG D 161 -8.89 -70.73 14.95
CA ARG D 161 -9.55 -70.90 16.24
C ARG D 161 -9.93 -72.35 16.53
N THR D 162 -9.62 -73.26 15.60
CA THR D 162 -9.93 -74.68 15.81
C THR D 162 -8.74 -75.35 16.49
N PRO D 163 -8.99 -76.08 17.58
CA PRO D 163 -7.87 -76.77 18.25
C PRO D 163 -7.12 -77.70 17.29
N GLY D 164 -5.79 -77.65 17.35
CA GLY D 164 -4.93 -78.49 16.52
C GLY D 164 -4.62 -77.89 15.16
N GLU D 165 -5.67 -77.48 14.46
CA GLU D 165 -5.54 -76.85 13.15
C GLU D 165 -4.83 -75.51 13.25
N GLY D 166 -5.20 -74.71 14.24
CA GLY D 166 -4.54 -73.41 14.45
C GLY D 166 -3.04 -73.56 14.70
N GLU D 167 -2.69 -74.55 15.52
CA GLU D 167 -1.29 -74.88 15.79
C GLU D 167 -0.53 -75.22 14.52
N ALA D 168 -1.07 -76.13 13.72
CA ALA D 168 -0.41 -76.52 12.48
C ALA D 168 -0.21 -75.36 11.55
N MET D 169 -1.20 -74.47 11.48
CA MET D 169 -1.13 -73.38 10.51
C MET D 169 -0.23 -72.24 10.97
N ILE D 170 -0.45 -71.80 12.21
CA ILE D 170 0.28 -70.65 12.75
C ILE D 170 1.62 -71.03 13.35
N LEU D 171 1.69 -72.08 14.17
CA LEU D 171 2.96 -72.43 14.82
C LEU D 171 3.91 -73.16 13.87
N GLU D 172 3.38 -74.17 13.18
CA GLU D 172 4.23 -75.00 12.31
C GLU D 172 4.49 -74.35 10.96
N ALA D 173 3.43 -73.99 10.24
CA ALA D 173 3.60 -73.39 8.91
C ALA D 173 3.87 -71.87 8.92
N ASN D 174 3.69 -71.22 10.07
CA ASN D 174 3.93 -69.78 10.24
C ASN D 174 3.04 -68.95 9.30
N ALA D 175 1.79 -69.36 9.15
CA ALA D 175 0.90 -68.81 8.12
C ALA D 175 0.54 -67.35 8.35
N PHE D 176 0.51 -66.91 9.61
CA PHE D 176 0.10 -65.53 9.87
C PHE D 176 1.18 -64.55 9.35
N VAL D 177 2.44 -64.89 9.58
CA VAL D 177 3.55 -64.06 9.12
C VAL D 177 3.78 -64.20 7.61
N GLU D 178 3.74 -65.43 7.10
CA GLU D 178 4.11 -65.67 5.71
C GLU D 178 2.98 -65.46 4.71
N ARG D 179 1.74 -65.48 5.20
CA ARG D 179 0.59 -65.42 4.31
C ARG D 179 -0.42 -64.32 4.64
N VAL D 180 -0.90 -64.33 5.88
CA VAL D 180 -1.91 -63.34 6.30
C VAL D 180 -1.37 -61.90 6.19
N LEU D 181 -0.15 -61.67 6.68
CA LEU D 181 0.46 -60.34 6.62
C LEU D 181 0.60 -59.81 5.18
N PRO D 182 1.33 -60.52 4.31
CA PRO D 182 1.42 -60.02 2.93
C PRO D 182 0.05 -59.99 2.26
N GLY D 183 -0.83 -60.91 2.66
CA GLY D 183 -2.20 -60.92 2.18
C GLY D 183 -2.98 -59.66 2.48
N GLY D 184 -2.52 -58.89 3.47
CA GLY D 184 -3.17 -57.64 3.85
C GLY D 184 -2.42 -56.38 3.43
N ILE D 185 -1.45 -56.54 2.52
CA ILE D 185 -0.71 -55.42 1.97
C ILE D 185 -0.88 -55.43 0.44
N VAL D 186 -1.29 -54.30 -0.13
CA VAL D 186 -1.54 -54.24 -1.58
C VAL D 186 -0.23 -54.36 -2.37
N ARG D 187 0.77 -53.58 -1.98
CA ARG D 187 2.09 -53.65 -2.63
C ARG D 187 2.85 -54.88 -2.16
N LYS D 188 3.93 -55.23 -2.85
CA LYS D 188 4.82 -56.30 -2.42
C LYS D 188 5.99 -55.67 -1.67
N LEU D 189 6.16 -56.04 -0.40
CA LEU D 189 7.26 -55.54 0.41
C LEU D 189 8.59 -55.99 -0.18
N GLY D 190 9.60 -55.12 -0.14
CA GLY D 190 10.98 -55.51 -0.42
C GLY D 190 11.44 -56.54 0.60
N ASP D 191 12.36 -57.42 0.19
CA ASP D 191 12.89 -58.43 1.09
C ASP D 191 13.42 -57.81 2.39
N GLU D 192 14.07 -56.66 2.26
CA GLU D 192 14.58 -55.92 3.42
C GLU D 192 13.47 -55.39 4.34
N GLU D 193 12.31 -55.08 3.76
CA GLU D 193 11.14 -54.63 4.54
C GLU D 193 10.45 -55.82 5.21
N MET D 194 10.48 -56.96 4.55
CA MET D 194 9.82 -58.15 5.08
C MET D 194 10.62 -58.84 6.20
N ALA D 195 11.95 -58.83 6.11
CA ALA D 195 12.81 -59.54 7.08
C ALA D 195 12.51 -59.28 8.57
N PRO D 196 12.38 -57.99 9.00
CA PRO D 196 12.10 -57.75 10.43
C PRO D 196 10.72 -58.19 10.90
N TYR D 197 9.81 -58.47 9.97
CA TYR D 197 8.57 -59.16 10.34
C TYR D 197 8.79 -60.64 10.65
N ARG D 198 9.83 -61.23 10.06
CA ARG D 198 10.12 -62.66 10.21
C ARG D 198 10.97 -62.98 11.45
N THR D 199 11.96 -62.13 11.69
CA THR D 199 12.97 -62.38 12.72
C THR D 199 12.46 -62.63 14.16
N PRO D 200 11.31 -62.02 14.56
CA PRO D 200 10.78 -62.33 15.90
C PRO D 200 10.25 -63.76 16.08
N PHE D 201 10.06 -64.48 14.97
CA PHE D 201 9.32 -65.74 14.97
C PHE D 201 10.04 -66.89 14.25
N PRO D 202 11.29 -67.17 14.66
CA PRO D 202 12.08 -68.24 14.03
C PRO D 202 11.59 -69.66 14.34
N THR D 203 10.77 -69.85 15.38
CA THR D 203 10.36 -71.18 15.84
C THR D 203 8.87 -71.31 16.14
N PRO D 204 8.34 -72.56 16.14
CA PRO D 204 6.97 -72.79 16.60
C PRO D 204 6.66 -72.21 17.98
N GLU D 205 7.54 -72.46 18.96
CA GLU D 205 7.34 -71.92 20.31
C GLU D 205 7.21 -70.39 20.30
N SER D 206 8.04 -69.73 19.50
CA SER D 206 8.10 -68.27 19.45
C SER D 206 6.80 -67.69 18.87
N ARG D 207 6.07 -68.52 18.13
CA ARG D 207 4.83 -68.07 17.48
C ARG D 207 3.58 -68.18 18.36
N ARG D 208 3.73 -68.63 19.61
CA ARG D 208 2.61 -68.73 20.56
C ARG D 208 1.73 -67.46 20.64
N PRO D 209 2.34 -66.26 20.70
CA PRO D 209 1.46 -65.07 20.82
C PRO D 209 0.65 -64.81 19.54
N VAL D 210 1.21 -65.21 18.39
CA VAL D 210 0.55 -65.05 17.09
C VAL D 210 -0.68 -65.95 16.97
N LEU D 211 -0.61 -67.16 17.52
CA LEU D 211 -1.77 -68.06 17.60
C LEU D 211 -2.77 -67.59 18.66
N ALA D 212 -2.27 -67.01 19.75
CA ALA D 212 -3.16 -66.58 20.83
C ALA D 212 -4.14 -65.52 20.36
N PHE D 213 -3.67 -64.57 19.56
CA PHE D 213 -4.51 -63.41 19.16
C PHE D 213 -5.80 -63.78 18.40
N PRO D 214 -5.70 -64.60 17.33
CA PRO D 214 -6.96 -64.93 16.66
C PRO D 214 -7.94 -65.66 17.56
N ARG D 215 -7.42 -66.38 18.54
CA ARG D 215 -8.28 -67.04 19.52
C ARG D 215 -8.91 -66.10 20.57
N GLU D 216 -8.43 -64.85 20.60
CA GLU D 216 -8.99 -63.81 21.47
C GLU D 216 -10.05 -62.98 20.75
N LEU D 217 -10.14 -63.10 19.42
CA LEU D 217 -11.11 -62.27 18.67
C LEU D 217 -12.52 -62.45 19.22
N PRO D 218 -13.23 -61.34 19.49
CA PRO D 218 -14.55 -61.46 20.12
C PRO D 218 -15.61 -61.75 19.06
N ILE D 219 -15.89 -63.04 18.86
CA ILE D 219 -16.80 -63.47 17.80
C ILE D 219 -17.86 -64.41 18.39
N ALA D 220 -19.12 -64.05 18.15
CA ALA D 220 -20.27 -64.84 18.61
C ALA D 220 -20.22 -65.10 20.12
N GLY D 221 -19.79 -64.08 20.85
CA GLY D 221 -19.81 -64.10 22.29
C GLY D 221 -18.61 -64.74 22.95
N GLU D 222 -17.63 -65.17 22.15
CA GLU D 222 -16.49 -65.91 22.69
C GLU D 222 -15.15 -65.42 22.15
N PRO D 223 -14.11 -65.35 23.01
CA PRO D 223 -14.18 -65.63 24.46
C PRO D 223 -15.00 -64.55 25.16
N ALA D 224 -15.83 -64.94 26.13
CA ALA D 224 -16.81 -64.03 26.72
C ALA D 224 -16.18 -62.82 27.38
N ASP D 225 -15.07 -63.04 28.08
CA ASP D 225 -14.44 -61.90 28.76
C ASP D 225 -13.91 -60.81 27.83
N VAL D 226 -13.26 -61.21 26.74
CA VAL D 226 -12.84 -60.23 25.73
C VAL D 226 -14.05 -59.60 25.05
N TYR D 227 -15.03 -60.42 24.71
CA TYR D 227 -16.26 -59.92 24.10
C TYR D 227 -16.90 -58.83 24.97
N GLU D 228 -17.06 -59.09 26.27
CA GLU D 228 -17.72 -58.12 27.10
C GLU D 228 -16.85 -56.90 27.36
N ALA D 229 -15.55 -57.11 27.49
CA ALA D 229 -14.57 -56.01 27.66
C ALA D 229 -14.62 -55.05 26.48
N LEU D 230 -14.65 -55.61 25.28
CA LEU D 230 -14.67 -54.78 24.08
C LEU D 230 -16.05 -54.18 23.81
N GLN D 231 -17.12 -54.83 24.27
CA GLN D 231 -18.44 -54.17 24.24
C GLN D 231 -18.42 -52.91 25.11
N SER D 232 -17.91 -53.06 26.33
CA SER D 232 -17.82 -51.97 27.28
C SER D 232 -16.91 -50.86 26.73
N ALA D 233 -15.76 -51.25 26.17
CA ALA D 233 -14.82 -50.27 25.64
C ALA D 233 -15.45 -49.50 24.45
N HIS D 234 -16.22 -50.21 23.62
CA HIS D 234 -16.91 -49.56 22.48
C HIS D 234 -18.03 -48.61 22.91
N ALA D 235 -18.74 -48.96 23.97
CA ALA D 235 -19.74 -48.02 24.50
C ALA D 235 -19.07 -46.75 25.00
N ALA D 236 -17.96 -46.90 25.73
CA ALA D 236 -17.19 -45.75 26.21
C ALA D 236 -16.69 -44.91 25.03
N LEU D 237 -16.17 -45.56 23.99
CA LEU D 237 -15.68 -44.87 22.79
C LEU D 237 -16.79 -44.02 22.17
N ALA D 238 -18.00 -44.58 22.08
CA ALA D 238 -19.13 -43.87 21.45
C ALA D 238 -19.57 -42.65 22.24
N ALA D 239 -19.40 -42.71 23.55
CA ALA D 239 -19.79 -41.61 24.44
C ALA D 239 -18.66 -40.63 24.71
N SER D 240 -17.45 -40.94 24.26
CA SER D 240 -16.27 -40.14 24.61
C SER D 240 -16.25 -38.80 23.85
N SER D 241 -15.48 -37.87 24.37
CA SER D 241 -15.45 -36.54 23.75
C SER D 241 -14.05 -36.13 23.24
N TYR D 242 -13.05 -36.99 23.43
CA TYR D 242 -11.70 -36.69 22.94
C TYR D 242 -11.65 -36.82 21.40
N PRO D 243 -10.69 -36.13 20.75
CA PRO D 243 -10.62 -36.16 19.29
C PRO D 243 -10.33 -37.55 18.73
N LYS D 244 -11.01 -37.90 17.64
CA LYS D 244 -10.88 -39.22 17.03
C LYS D 244 -10.71 -39.09 15.53
N LEU D 245 -9.86 -39.93 14.98
CA LEU D 245 -9.56 -39.90 13.56
C LEU D 245 -9.58 -41.36 13.10
N LEU D 246 -10.49 -41.70 12.17
CA LEU D 246 -10.57 -43.05 11.64
C LEU D 246 -10.08 -43.05 10.21
N PHE D 247 -9.11 -43.89 9.87
CA PHE D 247 -8.70 -44.09 8.47
C PHE D 247 -9.43 -45.27 7.87
N THR D 248 -9.78 -45.17 6.58
CA THR D 248 -10.49 -46.21 5.84
C THR D 248 -9.79 -46.50 4.50
N GLY D 249 -9.64 -47.78 4.16
CA GLY D 249 -9.11 -48.17 2.84
C GLY D 249 -10.19 -48.82 2.00
N GLU D 250 -9.88 -49.02 0.72
CA GLU D 250 -10.83 -49.63 -0.22
C GLU D 250 -10.23 -50.92 -0.74
N PRO D 251 -10.83 -52.07 -0.39
CA PRO D 251 -12.05 -52.29 0.39
C PRO D 251 -11.78 -52.39 1.89
N GLY D 252 -10.52 -52.29 2.31
CA GLY D 252 -10.13 -52.61 3.71
C GLY D 252 -10.31 -54.11 3.93
N ALA D 253 -10.53 -54.52 5.18
CA ALA D 253 -10.73 -55.94 5.52
C ALA D 253 -11.69 -56.07 6.70
N LEU D 254 -11.23 -55.70 7.90
CA LEU D 254 -12.13 -55.69 9.07
C LEU D 254 -13.10 -54.53 9.08
N VAL D 255 -12.77 -53.48 8.34
CA VAL D 255 -13.59 -52.28 8.26
C VAL D 255 -13.85 -51.95 6.80
N SER D 256 -15.10 -52.13 6.36
CA SER D 256 -15.45 -51.80 4.97
C SER D 256 -15.68 -50.28 4.88
N PRO D 257 -15.65 -49.73 3.67
CA PRO D 257 -15.96 -48.30 3.51
C PRO D 257 -17.33 -47.93 4.05
N GLU D 258 -18.30 -48.79 3.80
CA GLU D 258 -19.67 -48.60 4.28
C GLU D 258 -19.70 -48.58 5.81
N PHE D 259 -19.05 -49.57 6.43
CA PHE D 259 -19.02 -49.64 7.89
C PHE D 259 -18.26 -48.46 8.52
N ALA D 260 -17.13 -48.06 7.94
CA ALA D 260 -16.37 -46.92 8.43
C ALA D 260 -17.25 -45.65 8.52
N GLU D 261 -18.09 -45.44 7.50
CA GLU D 261 -18.98 -44.29 7.47
C GLU D 261 -20.03 -44.35 8.58
N ARG D 262 -20.66 -45.52 8.74
CA ARG D 262 -21.66 -45.76 9.80
C ARG D 262 -21.03 -45.63 11.18
N PHE D 263 -19.82 -46.19 11.34
CA PHE D 263 -19.17 -46.22 12.63
C PHE D 263 -18.77 -44.81 13.07
N ALA D 264 -18.12 -44.08 12.16
CA ALA D 264 -17.67 -42.72 12.44
C ALA D 264 -18.84 -41.81 12.83
N ALA D 265 -20.00 -42.07 12.21
CA ALA D 265 -21.26 -41.37 12.55
C ALA D 265 -21.84 -41.73 13.93
N SER D 266 -21.54 -42.92 14.42
CA SER D 266 -21.98 -43.36 15.74
C SER D 266 -21.19 -42.70 16.87
N LEU D 267 -20.09 -42.03 16.52
CA LEU D 267 -19.23 -41.37 17.49
C LEU D 267 -19.41 -39.86 17.46
N THR D 268 -18.84 -39.18 18.43
CA THR D 268 -18.80 -37.73 18.41
C THR D 268 -17.37 -37.29 18.16
N ARG D 269 -17.21 -36.29 17.30
CA ARG D 269 -15.90 -35.70 17.07
C ARG D 269 -14.92 -36.70 16.42
N CYS D 270 -15.46 -37.49 15.47
CA CYS D 270 -14.67 -38.46 14.71
C CYS D 270 -14.61 -38.13 13.22
N ALA D 271 -13.41 -37.82 12.73
CA ALA D 271 -13.21 -37.52 11.32
C ALA D 271 -12.88 -38.82 10.59
N LEU D 272 -13.24 -38.90 9.31
CA LEU D 272 -12.99 -40.11 8.53
C LEU D 272 -12.09 -39.75 7.34
N ILE D 273 -10.88 -40.26 7.35
CA ILE D 273 -9.88 -40.02 6.30
C ILE D 273 -9.82 -41.20 5.33
N ARG D 274 -9.95 -40.90 4.04
CA ARG D 274 -10.03 -41.92 3.01
C ARG D 274 -8.67 -42.14 2.41
N LEU D 275 -8.17 -43.37 2.54
CA LEU D 275 -6.85 -43.67 2.03
C LEU D 275 -6.78 -44.18 0.60
N GLY D 276 -7.84 -44.80 0.10
CA GLY D 276 -7.77 -45.35 -1.25
C GLY D 276 -7.44 -46.83 -1.14
N ALA D 277 -6.92 -47.42 -2.21
CA ALA D 277 -6.75 -48.87 -2.27
C ALA D 277 -5.95 -49.40 -1.07
N GLY D 278 -6.55 -50.31 -0.30
CA GLY D 278 -5.89 -50.85 0.89
C GLY D 278 -6.66 -52.01 1.48
N LEU D 279 -5.94 -52.80 2.28
CA LEU D 279 -6.45 -54.00 2.90
C LEU D 279 -6.29 -53.86 4.42
N HIS D 280 -5.83 -54.90 5.11
CA HIS D 280 -5.76 -54.80 6.58
C HIS D 280 -4.61 -53.95 7.12
N TYR D 281 -3.41 -54.12 6.55
CA TYR D 281 -2.20 -53.47 7.05
C TYR D 281 -1.97 -52.17 6.30
N LEU D 282 -2.90 -51.24 6.52
CA LEU D 282 -2.93 -49.96 5.79
C LEU D 282 -1.64 -49.14 5.89
N GLN D 283 -0.92 -49.28 7.01
CA GLN D 283 0.33 -48.55 7.22
C GLN D 283 1.34 -48.79 6.09
N GLU D 284 1.40 -50.04 5.59
CA GLU D 284 2.40 -50.36 4.58
C GLU D 284 2.10 -49.76 3.22
N ASP D 285 0.83 -49.49 2.93
CA ASP D 285 0.44 -48.91 1.66
C ASP D 285 0.25 -47.40 1.71
N HIS D 286 0.09 -46.85 2.92
CA HIS D 286 -0.30 -45.47 3.07
C HIS D 286 0.50 -44.72 4.15
N ALA D 287 1.76 -45.08 4.32
CA ALA D 287 2.60 -44.51 5.38
C ALA D 287 2.63 -42.97 5.36
N ASP D 288 2.92 -42.42 4.18
CA ASP D 288 2.98 -40.95 4.05
C ASP D 288 1.66 -40.29 4.38
N ALA D 289 0.57 -40.83 3.82
CA ALA D 289 -0.75 -40.24 4.04
C ALA D 289 -1.13 -40.30 5.52
N ILE D 290 -0.89 -41.44 6.16
CA ILE D 290 -1.21 -41.58 7.59
C ILE D 290 -0.37 -40.63 8.44
N GLY D 291 0.94 -40.60 8.18
CA GLY D 291 1.88 -39.75 8.91
C GLY D 291 1.53 -38.28 8.82
N ARG D 292 1.31 -37.78 7.60
CA ARG D 292 0.94 -36.37 7.40
C ARG D 292 -0.41 -36.04 8.05
N SER D 293 -1.35 -36.98 7.98
CA SER D 293 -2.68 -36.81 8.55
C SER D 293 -2.59 -36.67 10.06
N VAL D 294 -1.88 -37.59 10.70
CA VAL D 294 -1.72 -37.59 12.16
C VAL D 294 -0.97 -36.33 12.62
N ALA D 295 0.10 -35.95 11.93
CA ALA D 295 0.87 -34.74 12.29
C ALA D 295 0.00 -33.49 12.22
N GLY D 296 -0.78 -33.36 11.15
CA GLY D 296 -1.63 -32.17 10.99
C GLY D 296 -2.70 -32.12 12.06
N TRP D 297 -3.25 -33.31 12.37
CA TRP D 297 -4.29 -33.46 13.37
C TRP D 297 -3.76 -33.09 14.76
N ILE D 298 -2.58 -33.57 15.12
CA ILE D 298 -2.01 -33.21 16.44
C ILE D 298 -1.74 -31.71 16.49
N ALA D 299 -1.21 -31.17 15.40
CA ALA D 299 -0.92 -29.72 15.35
C ALA D 299 -2.21 -28.91 15.55
N GLY D 300 -3.30 -29.33 14.91
CA GLY D 300 -4.59 -28.68 15.05
C GLY D 300 -5.16 -28.72 16.46
N ILE D 301 -5.12 -29.89 17.07
CA ILE D 301 -5.61 -30.05 18.46
C ILE D 301 -4.77 -29.18 19.43
N GLU D 302 -3.46 -29.25 19.30
CA GLU D 302 -2.54 -28.47 20.13
C GLU D 302 -2.72 -26.98 19.90
N ALA D 303 -3.08 -26.58 18.69
CA ALA D 303 -3.27 -25.15 18.38
C ALA D 303 -4.44 -24.51 19.15
N VAL D 304 -5.42 -25.33 19.52
CA VAL D 304 -6.61 -24.83 20.18
C VAL D 304 -6.67 -25.22 21.67
N ARG D 305 -5.52 -25.58 22.23
CA ARG D 305 -5.38 -25.77 23.69
C ARG D 305 -5.66 -24.44 24.41
N PRO D 306 -6.04 -24.48 25.71
CA PRO D 306 -6.52 -23.27 26.40
C PRO D 306 -5.47 -22.14 26.44
N HIS D 314 -7.09 -4.68 27.18
CA HIS D 314 -8.05 -3.58 26.98
C HIS D 314 -9.02 -3.49 28.17
N HIS D 315 -8.86 -2.45 28.98
CA HIS D 315 -9.64 -2.28 30.20
C HIS D 315 -9.51 -0.86 30.73
N HIS D 316 -10.48 -0.46 31.55
CA HIS D 316 -10.40 0.76 32.31
C HIS D 316 -9.30 0.71 33.35
#